data_6L39
#
_entry.id   6L39
#
_cell.length_a   59.978
_cell.length_b   99.798
_cell.length_c   62.684
_cell.angle_alpha   90.000
_cell.angle_beta   89.820
_cell.angle_gamma   90.000
#
_symmetry.space_group_name_H-M   'P 1 21 1'
#
loop_
_entity.id
_entity.type
_entity.pdbx_description
1 polymer 'Cytochrome P450'
2 non-polymer 'PROTOPORPHYRIN IX CONTAINING FE'
3 non-polymer DI(HYDROXYETHYL)ETHER
4 non-polymer 'PHOSPHATE ION'
5 water water
#
_entity_poly.entity_id   1
_entity_poly.type   'polypeptide(L)'
_entity_poly.pdbx_seq_one_letter_code
;MSTTDQGETGKACPYPFAEMERLEIHPEYNRLRDAGELGRVLMPYGGETWLATSWEDVAKVFVDPRFSRSATLGKDVPRV
LPAIQDQPVIMLMDPPEHTRLRRLATKALTSRRMEALRPRTQEVADDLIDKMLAKGAPADLMEDFALPLPIIMICELLGV
PIEDQTKFRTWSDQMLSNGAYSQEVVMAAGQSLYLYLSELIAERRKQDTNDLLGSLVRARDKDDRLSETELVGFAVTLLI
AGYETTANAIGNSVYTLLTHPEKLAELRKDLSLIPKAVDELLRIIPIAKQASWVRMAVEDVELSGTIVKAGEAVAIQTHS
ANTDPKVYDHPEEIDFHRTSNPHMSLGHGAHHCMGAQLVRVEMQTALGSLISRIPALRFAVPEPRIKFLRGRLVPSLEAL
PLTW
;
_entity_poly.pdbx_strand_id   A,B
#
# COMPACT_ATOMS: atom_id res chain seq x y z
N ALA A 12 18.25 16.67 -15.31
CA ALA A 12 17.05 15.77 -15.36
C ALA A 12 17.39 14.38 -14.79
N CYS A 13 16.90 14.13 -13.57
CA CYS A 13 16.99 12.84 -12.84
C CYS A 13 16.38 11.68 -13.62
N PRO A 14 17.13 10.58 -13.87
CA PRO A 14 16.69 9.51 -14.78
C PRO A 14 15.44 8.72 -14.39
N TYR A 15 14.73 8.20 -15.40
CA TYR A 15 13.46 7.45 -15.24
C TYR A 15 13.60 6.09 -15.93
N PRO A 16 12.88 5.00 -15.57
CA PRO A 16 12.17 4.84 -14.30
C PRO A 16 12.94 5.00 -12.99
N PHE A 17 12.25 5.39 -11.93
CA PHE A 17 12.86 5.66 -10.62
C PHE A 17 13.27 4.37 -9.92
N ALA A 18 12.49 3.33 -10.14
CA ALA A 18 12.80 2.03 -9.52
C ALA A 18 11.93 0.99 -10.20
N GLU A 19 12.54 -0.13 -10.58
CA GLU A 19 11.75 -1.23 -11.19
C GLU A 19 10.66 -1.55 -10.18
N MET A 20 9.42 -1.20 -10.48
CA MET A 20 8.28 -1.46 -9.57
C MET A 20 8.14 -2.96 -9.37
N GLU A 21 8.82 -3.51 -8.37
CA GLU A 21 8.61 -4.94 -8.04
C GLU A 21 7.29 -4.97 -7.24
N ARG A 22 6.51 -6.03 -7.41
CA ARG A 22 5.20 -6.14 -6.73
C ARG A 22 4.22 -5.16 -7.37
N LEU A 23 3.40 -4.48 -6.58
CA LEU A 23 2.36 -3.59 -7.12
C LEU A 23 2.38 -2.22 -6.45
N GLU A 24 3.54 -1.71 -6.02
CA GLU A 24 3.52 -0.39 -5.35
C GLU A 24 4.19 0.67 -6.20
N ILE A 25 4.09 1.92 -5.77
CA ILE A 25 4.64 3.06 -6.55
C ILE A 25 5.77 3.72 -5.78
N HIS A 26 6.67 4.36 -6.51
CA HIS A 26 7.84 5.05 -5.91
C HIS A 26 7.33 6.36 -5.32
N PRO A 27 7.67 6.71 -4.07
CA PRO A 27 7.17 7.94 -3.44
C PRO A 27 7.17 9.19 -4.34
N GLU A 28 8.18 9.33 -5.19
CA GLU A 28 8.56 10.61 -5.87
C GLU A 28 7.33 11.26 -6.52
N TYR A 29 6.71 10.59 -7.50
CA TYR A 29 5.43 10.97 -8.15
C TYR A 29 4.54 11.83 -7.24
N ASN A 30 4.18 11.32 -6.06
CA ASN A 30 3.30 12.03 -5.10
C ASN A 30 4.09 13.22 -4.53
N ARG A 31 5.40 13.08 -4.33
CA ARG A 31 6.30 14.16 -3.87
C ARG A 31 6.15 15.40 -4.76
N LEU A 32 6.17 15.22 -6.08
CA LEU A 32 6.07 16.29 -7.11
C LEU A 32 4.65 16.84 -7.21
N ARG A 33 3.68 15.94 -7.23
CA ARG A 33 2.26 16.33 -7.25
C ARG A 33 2.06 17.42 -6.20
N ASP A 34 2.51 17.14 -4.98
CA ASP A 34 2.35 18.01 -3.79
C ASP A 34 3.29 19.20 -3.89
N ALA A 35 4.51 18.98 -4.34
CA ALA A 35 5.47 20.08 -4.61
C ALA A 35 4.89 21.09 -5.59
N GLY A 36 3.73 20.80 -6.19
CA GLY A 36 3.25 21.46 -7.42
C GLY A 36 4.37 21.56 -8.44
N GLU A 37 5.22 20.53 -8.51
CA GLU A 37 6.40 20.46 -9.42
C GLU A 37 6.01 19.62 -10.63
N LEU A 38 6.43 20.06 -11.83
CA LEU A 38 6.38 19.26 -13.09
C LEU A 38 7.77 18.62 -13.27
N GLY A 39 7.87 17.29 -13.23
CA GLY A 39 9.15 16.57 -13.26
C GLY A 39 9.80 16.70 -14.62
N ARG A 40 11.14 16.75 -14.68
CA ARG A 40 11.92 16.49 -15.92
C ARG A 40 12.79 15.28 -15.66
N VAL A 41 12.70 14.30 -16.56
CA VAL A 41 13.31 12.96 -16.38
C VAL A 41 14.04 12.61 -17.67
N LEU A 42 15.05 11.74 -17.55
CA LEU A 42 15.86 11.18 -18.65
C LEU A 42 15.42 9.74 -18.89
N MET A 43 14.66 9.51 -19.95
CA MET A 43 14.18 8.17 -20.32
C MET A 43 15.34 7.38 -20.93
N PRO A 44 15.28 6.03 -20.94
CA PRO A 44 16.37 5.21 -21.47
C PRO A 44 16.69 5.54 -22.94
N TYR A 45 15.67 5.50 -23.80
CA TYR A 45 15.76 5.81 -25.25
C TYR A 45 15.08 7.15 -25.53
N GLY A 46 15.33 7.75 -26.69
CA GLY A 46 15.04 9.18 -26.93
C GLY A 46 15.67 9.98 -25.82
N GLY A 47 15.22 11.19 -25.56
CA GLY A 47 15.94 12.07 -24.62
C GLY A 47 15.23 12.22 -23.29
N GLU A 48 15.33 13.42 -22.73
CA GLU A 48 14.55 13.89 -21.56
C GLU A 48 13.09 14.12 -21.98
N THR A 49 12.19 14.00 -21.01
CA THR A 49 10.74 14.27 -21.10
C THR A 49 10.33 15.03 -19.86
N TRP A 50 9.25 15.81 -19.95
CA TRP A 50 8.49 16.29 -18.77
C TRP A 50 7.59 15.16 -18.26
N LEU A 51 7.02 15.32 -17.07
CA LEU A 51 6.28 14.26 -16.32
C LEU A 51 5.22 14.93 -15.45
N ALA A 52 3.94 14.62 -15.70
CA ALA A 52 2.76 15.18 -15.00
C ALA A 52 2.22 14.12 -14.03
N THR A 53 1.90 14.52 -12.81
CA THR A 53 1.48 13.62 -11.71
C THR A 53 0.15 14.12 -11.11
N SER A 54 -0.16 15.43 -11.21
CA SER A 54 -1.40 16.02 -10.64
C SER A 54 -2.61 15.64 -11.51
N TRP A 55 -3.78 15.51 -10.88
CA TRP A 55 -5.07 15.24 -11.56
C TRP A 55 -5.28 16.32 -12.61
N GLU A 56 -5.10 17.58 -12.21
CA GLU A 56 -5.35 18.79 -13.04
C GLU A 56 -4.44 18.72 -14.27
N ASP A 57 -3.18 18.35 -14.10
CA ASP A 57 -2.14 18.39 -15.17
C ASP A 57 -2.18 17.11 -16.01
N VAL A 58 -2.65 15.98 -15.47
CA VAL A 58 -2.92 14.72 -16.24
C VAL A 58 -4.26 14.85 -16.98
N ALA A 59 -5.24 15.53 -16.39
CA ALA A 59 -6.48 15.89 -17.11
C ALA A 59 -6.13 16.69 -18.38
N LYS A 60 -5.23 17.68 -18.31
CA LYS A 60 -4.96 18.56 -19.47
C LYS A 60 -4.40 17.71 -20.60
N VAL A 61 -3.45 16.82 -20.30
CA VAL A 61 -2.66 16.09 -21.34
C VAL A 61 -3.58 15.08 -22.05
N PHE A 62 -4.62 14.61 -21.36
CA PHE A 62 -5.62 13.65 -21.89
C PHE A 62 -6.57 14.31 -22.90
N VAL A 63 -6.92 15.58 -22.66
CA VAL A 63 -8.10 16.26 -23.27
C VAL A 63 -7.68 17.49 -24.10
N ASP A 64 -6.74 18.29 -23.61
CA ASP A 64 -6.29 19.53 -24.28
C ASP A 64 -5.78 19.18 -25.68
N PRO A 65 -6.18 19.93 -26.72
CA PRO A 65 -5.65 19.71 -28.07
C PRO A 65 -4.25 20.29 -28.34
N ARG A 66 -3.59 20.86 -27.33
CA ARG A 66 -2.21 21.39 -27.47
C ARG A 66 -1.21 20.23 -27.33
N PHE A 67 -1.70 19.00 -27.14
CA PHE A 67 -0.89 17.77 -26.97
C PHE A 67 -1.27 16.75 -28.03
N SER A 68 -0.33 16.41 -28.91
CA SER A 68 -0.51 15.46 -30.05
C SER A 68 0.01 14.06 -29.68
N ARG A 69 -0.75 13.03 -30.03
CA ARG A 69 -0.31 11.61 -29.92
C ARG A 69 0.19 11.17 -31.31
N SER A 70 -0.27 11.81 -32.39
CA SER A 70 0.19 11.66 -33.81
C SER A 70 1.71 11.87 -33.92
N ALA A 71 2.22 12.92 -33.28
CA ALA A 71 3.56 13.51 -33.53
C ALA A 71 4.72 12.65 -32.98
N THR A 72 4.49 11.37 -32.78
CA THR A 72 5.54 10.48 -32.25
C THR A 72 5.53 9.16 -32.99
N LEU A 73 4.69 9.09 -34.03
CA LEU A 73 4.70 7.91 -34.91
C LEU A 73 5.96 8.05 -35.75
N GLY A 74 6.78 7.01 -35.76
CA GLY A 74 8.05 7.17 -36.49
C GLY A 74 8.80 8.35 -35.92
N LYS A 75 9.37 8.19 -34.73
CA LYS A 75 10.21 9.28 -34.15
C LYS A 75 11.06 8.71 -33.02
N ASP A 76 12.22 9.30 -32.78
CA ASP A 76 13.08 8.87 -31.66
C ASP A 76 12.61 9.74 -30.51
N VAL A 77 11.49 9.37 -29.92
CA VAL A 77 10.84 10.19 -28.85
C VAL A 77 11.25 9.69 -27.48
N PRO A 78 11.30 10.55 -26.44
CA PRO A 78 11.63 10.08 -25.09
C PRO A 78 10.77 8.86 -24.75
N ARG A 79 11.37 7.67 -24.84
CA ARG A 79 10.64 6.39 -24.63
C ARG A 79 11.31 5.50 -23.59
N VAL A 80 10.79 4.28 -23.43
CA VAL A 80 11.23 3.34 -22.37
C VAL A 80 11.77 2.07 -23.04
N LEU A 81 11.01 1.50 -23.98
CA LEU A 81 11.39 0.30 -24.76
C LEU A 81 12.03 0.77 -26.07
N PRO A 82 13.16 0.18 -26.51
CA PRO A 82 13.92 0.74 -27.64
C PRO A 82 13.13 0.81 -28.96
N ALA A 83 12.28 -0.20 -29.25
CA ALA A 83 11.44 -0.28 -30.46
C ALA A 83 10.62 1.02 -30.62
N ILE A 84 10.48 1.50 -31.86
CA ILE A 84 9.83 2.80 -32.20
C ILE A 84 8.42 2.50 -32.71
N GLN A 85 7.42 3.26 -32.26
CA GLN A 85 6.00 3.12 -32.69
C GLN A 85 5.60 4.41 -33.41
N GLN A 87 3.95 3.10 -37.21
CA GLN A 87 3.03 2.00 -36.80
C GLN A 87 1.70 2.59 -36.31
N PRO A 88 0.82 3.12 -37.20
CA PRO A 88 -0.28 4.00 -36.78
C PRO A 88 -1.47 3.28 -36.15
N VAL A 89 -1.60 3.39 -34.82
CA VAL A 89 -2.74 2.85 -34.02
C VAL A 89 -3.70 4.01 -33.73
N ILE A 90 -4.96 3.72 -33.42
CA ILE A 90 -6.00 4.73 -33.06
C ILE A 90 -5.51 5.63 -31.91
N MET A 91 -4.87 5.06 -30.89
CA MET A 91 -4.44 5.78 -29.66
C MET A 91 -3.25 6.70 -29.98
N LEU A 92 -2.70 6.63 -31.18
CA LEU A 92 -1.62 7.52 -31.70
C LEU A 92 -2.19 8.47 -32.76
N MET A 93 -3.49 8.76 -32.72
CA MET A 93 -4.17 9.64 -33.70
C MET A 93 -4.70 10.88 -32.98
N ASP A 94 -4.75 12.01 -33.70
CA ASP A 94 -5.35 13.30 -33.25
C ASP A 94 -6.62 13.54 -34.05
N PRO A 95 -7.48 14.49 -33.66
CA PRO A 95 -8.60 14.89 -34.52
C PRO A 95 -8.03 15.54 -35.77
N PRO A 96 -8.75 15.51 -36.91
CA PRO A 96 -10.05 14.85 -37.01
C PRO A 96 -10.05 13.40 -37.57
N GLU A 97 -8.90 12.82 -37.90
CA GLU A 97 -8.89 11.40 -38.37
C GLU A 97 -9.40 10.55 -37.21
N HIS A 98 -8.71 10.63 -36.08
CA HIS A 98 -9.19 9.97 -34.83
C HIS A 98 -10.72 10.07 -34.68
N THR A 99 -11.22 11.29 -34.83
CA THR A 99 -12.59 11.69 -34.43
C THR A 99 -13.56 11.02 -35.40
N ARG A 100 -13.27 11.08 -36.70
CA ARG A 100 -14.06 10.39 -37.75
C ARG A 100 -14.06 8.89 -37.44
N LEU A 101 -12.90 8.37 -37.05
CA LEU A 101 -12.67 6.92 -36.84
C LEU A 101 -13.37 6.47 -35.55
N ARG A 102 -13.27 7.26 -34.48
CA ARG A 102 -13.97 6.99 -33.19
C ARG A 102 -15.49 7.13 -33.39
N ARG A 103 -15.94 8.25 -33.97
CA ARG A 103 -17.36 8.58 -34.25
C ARG A 103 -18.07 7.39 -34.89
N LEU A 104 -17.42 6.69 -35.83
CA LEU A 104 -17.98 5.49 -36.50
C LEU A 104 -18.05 4.36 -35.47
N ALA A 105 -16.90 3.80 -35.05
CA ALA A 105 -16.78 2.68 -34.07
C ALA A 105 -17.72 2.83 -32.86
N THR A 106 -17.96 4.05 -32.34
CA THR A 106 -18.93 4.30 -31.24
C THR A 106 -20.36 3.88 -31.62
N LYS A 107 -20.69 3.93 -32.92
CA LYS A 107 -22.05 3.63 -33.45
C LYS A 107 -22.33 2.13 -33.46
N ALA A 108 -21.27 1.33 -33.36
CA ALA A 108 -21.30 -0.15 -33.35
C ALA A 108 -21.00 -0.61 -31.93
N LEU A 109 -19.84 -0.20 -31.41
CA LEU A 109 -19.38 -0.51 -30.03
C LEU A 109 -20.19 0.38 -29.08
N THR A 110 -21.30 -0.14 -28.59
CA THR A 110 -22.20 0.70 -27.77
C THR A 110 -22.19 0.25 -26.31
N SER A 111 -22.55 1.18 -25.43
CA SER A 111 -22.63 0.93 -23.97
C SER A 111 -23.76 -0.06 -23.77
N ARG A 112 -24.78 0.03 -24.60
CA ARG A 112 -25.94 -0.89 -24.55
C ARG A 112 -25.42 -2.24 -24.98
N ARG A 113 -24.85 -2.27 -26.16
CA ARG A 113 -24.28 -3.52 -26.73
C ARG A 113 -23.41 -4.26 -25.72
N MET A 114 -22.76 -3.52 -24.84
CA MET A 114 -21.82 -4.09 -23.84
C MET A 114 -22.59 -4.58 -22.61
N GLU A 115 -23.57 -3.81 -22.11
CA GLU A 115 -24.48 -4.27 -21.03
C GLU A 115 -25.18 -5.55 -21.50
N ALA A 116 -25.56 -5.59 -22.78
CA ALA A 116 -26.20 -6.74 -23.45
C ALA A 116 -25.40 -8.03 -23.28
N LEU A 117 -24.10 -7.95 -22.94
CA LEU A 117 -23.22 -9.15 -22.79
C LEU A 117 -23.24 -9.68 -21.35
N ARG A 118 -23.82 -8.93 -20.40
CA ARG A 118 -23.77 -9.28 -18.96
C ARG A 118 -24.34 -10.68 -18.75
N PRO A 119 -25.49 -11.06 -19.34
CA PRO A 119 -26.04 -12.40 -19.15
C PRO A 119 -25.08 -13.52 -19.61
N ARG A 120 -24.43 -13.34 -20.77
CA ARG A 120 -23.40 -14.28 -21.29
C ARG A 120 -22.24 -14.36 -20.27
N THR A 121 -21.66 -13.20 -19.90
CA THR A 121 -20.52 -13.08 -18.93
C THR A 121 -20.84 -13.91 -17.67
N GLN A 122 -22.01 -13.69 -17.06
CA GLN A 122 -22.55 -14.53 -15.96
C GLN A 122 -22.36 -16.01 -16.31
N GLU A 123 -22.85 -16.45 -17.46
CA GLU A 123 -22.73 -17.87 -17.89
C GLU A 123 -21.25 -18.28 -17.83
N VAL A 124 -20.39 -17.60 -18.60
CA VAL A 124 -18.96 -18.00 -18.74
C VAL A 124 -18.26 -17.82 -17.40
N ALA A 125 -18.55 -16.72 -16.68
CA ALA A 125 -18.07 -16.47 -15.30
C ALA A 125 -18.46 -17.66 -14.42
N ASP A 126 -19.77 -17.86 -14.23
CA ASP A 126 -20.34 -18.83 -13.25
C ASP A 126 -20.00 -20.26 -13.64
N ASP A 127 -19.71 -20.54 -14.92
CA ASP A 127 -19.29 -21.90 -15.37
C ASP A 127 -17.76 -21.98 -15.44
N LEU A 128 -17.04 -20.85 -15.45
CA LEU A 128 -15.57 -20.79 -15.24
C LEU A 128 -15.26 -21.12 -13.77
N ILE A 129 -16.14 -20.69 -12.87
CA ILE A 129 -16.05 -21.07 -11.44
C ILE A 129 -16.29 -22.57 -11.34
N ASP A 130 -17.48 -23.01 -11.73
CA ASP A 130 -17.87 -24.44 -11.77
C ASP A 130 -16.65 -25.29 -12.02
N LYS A 131 -16.02 -25.10 -13.17
CA LYS A 131 -14.83 -25.87 -13.60
C LYS A 131 -13.71 -25.75 -12.57
N MET A 132 -13.26 -24.52 -12.33
CA MET A 132 -12.10 -24.24 -11.44
C MET A 132 -12.21 -24.97 -10.11
N LEU A 133 -13.34 -24.79 -9.42
CA LEU A 133 -13.46 -25.43 -8.08
C LEU A 133 -13.92 -26.87 -8.23
N ALA A 134 -14.30 -27.24 -9.44
CA ALA A 134 -14.69 -28.64 -9.70
C ALA A 134 -13.42 -29.46 -9.90
N LYS A 135 -12.27 -28.79 -9.98
CA LYS A 135 -10.99 -29.50 -10.20
C LYS A 135 -10.29 -29.72 -8.85
N GLY A 136 -9.01 -29.40 -8.79
CA GLY A 136 -8.13 -29.65 -7.62
C GLY A 136 -8.38 -28.83 -6.36
N ALA A 137 -7.47 -29.00 -5.41
CA ALA A 137 -7.54 -28.34 -4.09
C ALA A 137 -7.28 -26.86 -4.26
N PRO A 138 -6.00 -26.46 -4.42
CA PRO A 138 -5.63 -25.06 -4.62
C PRO A 138 -5.71 -24.77 -6.12
N ALA A 139 -5.95 -23.51 -6.46
CA ALA A 139 -6.09 -23.16 -7.89
C ALA A 139 -5.18 -21.99 -8.22
N ASP A 140 -5.21 -21.61 -9.49
CA ASP A 140 -4.45 -20.46 -10.00
C ASP A 140 -5.48 -19.62 -10.74
N LEU A 141 -6.10 -18.69 -10.01
CA LEU A 141 -7.15 -17.81 -10.57
C LEU A 141 -6.70 -17.24 -11.91
N MET A 142 -5.42 -16.97 -12.04
CA MET A 142 -4.92 -16.37 -13.30
C MET A 142 -5.22 -17.31 -14.46
N GLU A 143 -4.68 -18.52 -14.44
CA GLU A 143 -4.89 -19.45 -15.57
C GLU A 143 -6.29 -20.06 -15.53
N ASP A 144 -6.87 -20.19 -14.35
CA ASP A 144 -8.18 -20.86 -14.26
C ASP A 144 -9.33 -19.87 -14.43
N PHE A 145 -9.10 -18.56 -14.35
CA PHE A 145 -10.26 -17.65 -14.42
C PHE A 145 -9.95 -16.24 -14.93
N ALA A 146 -8.91 -15.60 -14.44
CA ALA A 146 -8.63 -14.19 -14.82
C ALA A 146 -8.23 -14.04 -16.28
N LEU A 147 -7.56 -15.02 -16.86
CA LEU A 147 -7.11 -14.85 -18.26
C LEU A 147 -8.18 -15.30 -19.24
N PRO A 148 -8.83 -16.45 -19.02
CA PRO A 148 -9.84 -16.94 -19.94
C PRO A 148 -11.06 -16.04 -20.12
N LEU A 149 -11.59 -15.52 -19.03
CA LEU A 149 -12.84 -14.71 -19.04
C LEU A 149 -12.79 -13.60 -20.09
N PRO A 150 -11.74 -12.75 -20.19
CA PRO A 150 -11.77 -11.62 -21.10
C PRO A 150 -11.61 -11.98 -22.60
N ILE A 151 -10.86 -13.04 -22.91
CA ILE A 151 -10.73 -13.46 -24.33
C ILE A 151 -12.08 -14.02 -24.75
N ILE A 152 -12.66 -14.89 -23.92
CA ILE A 152 -13.99 -15.49 -24.20
C ILE A 152 -14.98 -14.36 -24.44
N MET A 153 -15.00 -13.37 -23.57
CA MET A 153 -15.92 -12.22 -23.76
C MET A 153 -15.48 -11.41 -24.98
N ILE A 154 -14.19 -11.32 -25.27
CA ILE A 154 -13.81 -10.55 -26.50
C ILE A 154 -14.41 -11.28 -27.69
N CYS A 155 -14.11 -12.57 -27.79
CA CYS A 155 -14.62 -13.45 -28.87
C CYS A 155 -16.13 -13.23 -28.99
N GLU A 156 -16.85 -13.47 -27.91
CA GLU A 156 -18.35 -13.40 -27.93
C GLU A 156 -18.83 -12.03 -28.44
N LEU A 157 -18.10 -10.95 -28.13
CA LEU A 157 -18.43 -9.55 -28.52
C LEU A 157 -18.12 -9.34 -30.01
N LEU A 158 -17.19 -10.11 -30.58
CA LEU A 158 -16.87 -10.12 -32.02
C LEU A 158 -17.83 -11.06 -32.78
N GLY A 159 -18.48 -11.97 -32.07
CA GLY A 159 -19.35 -12.97 -32.71
C GLY A 159 -18.51 -13.95 -33.50
N VAL A 160 -17.41 -14.39 -32.88
CA VAL A 160 -16.54 -15.49 -33.38
C VAL A 160 -17.25 -16.80 -33.10
N PRO A 161 -17.33 -17.75 -34.06
CA PRO A 161 -17.94 -19.06 -33.83
C PRO A 161 -17.29 -19.85 -32.69
N ILE A 162 -18.10 -20.20 -31.69
CA ILE A 162 -17.67 -20.96 -30.47
C ILE A 162 -16.91 -22.22 -30.85
N GLU A 163 -16.87 -22.59 -32.12
CA GLU A 163 -16.16 -23.82 -32.52
C GLU A 163 -14.68 -23.47 -32.73
N ASP A 164 -14.37 -22.18 -32.79
CA ASP A 164 -12.99 -21.69 -33.04
C ASP A 164 -12.57 -20.78 -31.90
N GLN A 165 -13.37 -20.75 -30.84
CA GLN A 165 -13.04 -19.90 -29.66
C GLN A 165 -11.69 -20.35 -29.06
N THR A 166 -11.36 -21.63 -29.20
CA THR A 166 -10.05 -22.12 -28.69
C THR A 166 -8.98 -21.85 -29.75
N LYS A 167 -9.05 -22.52 -30.88
CA LYS A 167 -8.05 -22.24 -31.96
C LYS A 167 -7.71 -20.75 -31.87
N PHE A 168 -8.72 -19.91 -31.97
CA PHE A 168 -8.58 -18.44 -31.87
C PHE A 168 -7.68 -18.15 -30.67
N ARG A 169 -8.20 -18.28 -29.46
CA ARG A 169 -7.40 -18.04 -28.22
C ARG A 169 -5.93 -18.38 -28.49
N THR A 170 -5.67 -19.65 -28.74
CA THR A 170 -4.29 -20.16 -28.98
C THR A 170 -3.55 -19.17 -29.87
N TRP A 171 -4.25 -18.50 -30.78
CA TRP A 171 -3.58 -17.56 -31.70
C TRP A 171 -3.31 -16.24 -30.99
N SER A 172 -4.23 -15.81 -30.13
CA SER A 172 -4.06 -14.52 -29.45
C SER A 172 -3.02 -14.65 -28.33
N ASP A 173 -2.81 -15.86 -27.82
CA ASP A 173 -1.80 -16.09 -26.74
C ASP A 173 -0.39 -15.93 -27.31
N GLN A 174 -0.13 -16.51 -28.48
CA GLN A 174 1.17 -16.29 -29.17
C GLN A 174 1.02 -14.95 -29.89
N MET A 175 1.23 -13.85 -29.18
CA MET A 175 1.00 -12.45 -29.60
C MET A 175 1.25 -12.25 -31.10
N GLY A 179 8.35 -13.09 -24.46
CA GLY A 179 7.20 -13.98 -24.69
C GLY A 179 7.58 -15.45 -24.58
N ALA A 180 6.62 -16.37 -24.65
CA ALA A 180 6.92 -17.81 -24.45
C ALA A 180 6.98 -18.60 -25.77
N TYR A 181 6.72 -17.96 -26.91
CA TYR A 181 6.70 -18.60 -28.25
C TYR A 181 7.77 -18.02 -29.17
N SER A 182 8.23 -18.85 -30.12
CA SER A 182 9.36 -18.59 -31.06
C SER A 182 8.96 -17.50 -32.06
N GLN A 183 9.94 -16.79 -32.62
CA GLN A 183 9.70 -15.57 -33.44
C GLN A 183 8.92 -15.87 -34.71
N GLU A 184 9.20 -17.02 -35.31
CA GLU A 184 8.58 -17.52 -36.56
C GLU A 184 7.13 -17.92 -36.33
N VAL A 185 6.72 -18.05 -35.07
CA VAL A 185 5.33 -18.47 -34.69
C VAL A 185 4.67 -17.39 -33.82
N VAL A 186 5.31 -16.22 -33.62
CA VAL A 186 4.61 -14.95 -33.20
C VAL A 186 3.84 -14.40 -34.40
N MET A 187 4.56 -14.01 -35.46
CA MET A 187 3.97 -13.37 -36.65
C MET A 187 3.02 -14.32 -37.38
N ALA A 188 3.34 -15.60 -37.33
CA ALA A 188 2.52 -16.66 -37.99
C ALA A 188 1.14 -16.58 -37.33
N ALA A 189 1.10 -16.45 -36.00
CA ALA A 189 -0.14 -16.31 -35.18
C ALA A 189 -0.89 -15.04 -35.61
N GLY A 190 -0.24 -13.88 -35.50
CA GLY A 190 -0.80 -12.57 -35.88
C GLY A 190 -1.43 -12.63 -37.27
N GLN A 191 -0.71 -13.19 -38.24
CA GLN A 191 -1.14 -13.18 -39.66
C GLN A 191 -2.33 -14.13 -39.80
N SER A 192 -2.36 -15.19 -38.99
CA SER A 192 -3.49 -16.16 -39.01
C SER A 192 -4.71 -15.46 -38.42
N LEU A 193 -4.47 -14.60 -37.43
CA LEU A 193 -5.53 -13.85 -36.72
C LEU A 193 -6.05 -12.73 -37.63
N TYR A 194 -5.16 -12.09 -38.35
CA TYR A 194 -5.52 -10.99 -39.27
C TYR A 194 -6.35 -11.56 -40.42
N LEU A 195 -5.86 -12.63 -41.05
CA LEU A 195 -6.54 -13.22 -42.23
C LEU A 195 -7.85 -13.92 -41.85
N TYR A 196 -7.99 -14.34 -40.60
CA TYR A 196 -9.22 -15.01 -40.15
C TYR A 196 -10.25 -13.97 -39.75
N LEU A 197 -9.78 -12.78 -39.40
CA LEU A 197 -10.65 -11.70 -38.86
C LEU A 197 -11.19 -10.83 -40.01
N SER A 198 -10.51 -10.86 -41.15
CA SER A 198 -11.05 -10.18 -42.35
C SER A 198 -12.12 -11.12 -42.88
N GLU A 199 -11.76 -12.38 -43.11
CA GLU A 199 -12.73 -13.38 -43.63
C GLU A 199 -14.01 -13.31 -42.82
N LEU A 200 -13.88 -13.14 -41.51
CA LEU A 200 -15.07 -13.02 -40.61
C LEU A 200 -15.89 -11.77 -40.93
N ILE A 201 -15.18 -10.68 -41.23
CA ILE A 201 -15.83 -9.40 -41.60
C ILE A 201 -16.34 -9.53 -43.03
N ALA A 202 -15.72 -10.41 -43.81
CA ALA A 202 -16.20 -10.66 -45.18
C ALA A 202 -17.53 -11.41 -45.04
N GLU A 203 -17.58 -12.36 -44.12
CA GLU A 203 -18.78 -13.20 -43.84
C GLU A 203 -19.65 -12.55 -42.77
N ARG A 204 -19.96 -11.28 -42.97
CA ARG A 204 -20.81 -10.46 -42.08
C ARG A 204 -21.33 -9.30 -42.93
N ARG A 205 -20.65 -9.03 -44.05
CA ARG A 205 -21.07 -7.96 -44.99
C ARG A 205 -22.29 -8.48 -45.73
N LYS A 206 -22.43 -9.80 -45.84
CA LYS A 206 -23.63 -10.39 -46.49
C LYS A 206 -24.65 -10.67 -45.40
N GLN A 207 -24.31 -10.32 -44.16
CA GLN A 207 -25.21 -10.47 -42.98
C GLN A 207 -25.60 -11.95 -42.83
N ASN A 210 -27.22 -7.44 -37.77
CA ASN A 210 -26.10 -6.46 -37.62
C ASN A 210 -25.70 -6.38 -36.14
N ASP A 211 -24.66 -7.17 -35.81
CA ASP A 211 -23.99 -7.24 -34.48
C ASP A 211 -22.78 -6.30 -34.50
N LEU A 212 -21.75 -6.58 -33.71
CA LEU A 212 -20.59 -5.64 -33.57
C LEU A 212 -19.79 -5.56 -34.89
N LEU A 213 -19.37 -6.69 -35.45
CA LEU A 213 -18.60 -6.72 -36.73
C LEU A 213 -19.50 -6.27 -37.89
N GLY A 214 -20.75 -6.76 -37.96
CA GLY A 214 -21.77 -6.29 -38.92
C GLY A 214 -22.04 -4.78 -38.83
N SER A 215 -22.30 -4.27 -37.62
CA SER A 215 -22.53 -2.84 -37.30
C SER A 215 -21.31 -1.99 -37.71
N LEU A 216 -20.11 -2.55 -37.54
CA LEU A 216 -18.84 -1.86 -37.90
C LEU A 216 -18.80 -1.60 -39.41
N VAL A 217 -19.23 -2.57 -40.23
CA VAL A 217 -19.33 -2.38 -41.71
C VAL A 217 -20.45 -1.36 -42.02
N ARG A 218 -21.23 -0.96 -41.01
CA ARG A 218 -22.44 -0.08 -41.08
C ARG A 218 -23.56 -0.85 -41.80
N ARG A 225 -18.22 3.29 -44.33
CA ARG A 225 -17.31 4.45 -44.16
C ARG A 225 -15.96 4.01 -43.56
N LEU A 226 -15.90 2.95 -42.75
CA LEU A 226 -14.52 2.50 -42.38
C LEU A 226 -13.97 1.71 -43.58
N SER A 227 -12.68 1.86 -43.88
CA SER A 227 -11.94 1.02 -44.86
C SER A 227 -11.76 -0.38 -44.25
N GLU A 228 -11.70 -1.42 -45.10
CA GLU A 228 -11.44 -2.84 -44.66
C GLU A 228 -10.19 -2.86 -43.76
N THR A 229 -9.20 -2.01 -44.10
CA THR A 229 -7.89 -1.85 -43.40
C THR A 229 -8.10 -1.41 -41.95
N GLU A 230 -8.98 -0.43 -41.73
CA GLU A 230 -9.34 0.12 -40.40
C GLU A 230 -10.25 -0.87 -39.65
N LEU A 231 -11.16 -1.54 -40.37
CA LEU A 231 -12.11 -2.56 -39.85
C LEU A 231 -11.36 -3.70 -39.13
N VAL A 232 -10.45 -4.38 -39.83
CA VAL A 232 -9.65 -5.48 -39.24
C VAL A 232 -8.72 -4.85 -38.20
N GLY A 233 -8.16 -3.68 -38.50
CA GLY A 233 -7.28 -2.96 -37.57
C GLY A 233 -7.91 -2.91 -36.19
N PHE A 234 -9.11 -2.35 -36.10
CA PHE A 234 -9.89 -2.17 -34.86
C PHE A 234 -10.07 -3.52 -34.14
N ALA A 235 -10.54 -4.56 -34.84
CA ALA A 235 -10.79 -5.92 -34.31
C ALA A 235 -9.56 -6.46 -33.58
N VAL A 236 -8.39 -6.34 -34.20
CA VAL A 236 -7.08 -6.72 -33.59
C VAL A 236 -6.78 -5.80 -32.39
N THR A 237 -7.09 -4.50 -32.49
CA THR A 237 -6.82 -3.51 -31.40
C THR A 237 -7.58 -3.91 -30.13
N LEU A 238 -8.89 -4.07 -30.20
CA LEU A 238 -9.75 -4.47 -29.05
C LEU A 238 -9.14 -5.71 -28.39
N LEU A 239 -8.74 -6.68 -29.21
CA LEU A 239 -8.07 -7.89 -28.69
C LEU A 239 -6.90 -7.44 -27.80
N ILE A 240 -6.01 -6.58 -28.30
CA ILE A 240 -4.79 -6.10 -27.57
C ILE A 240 -5.20 -5.16 -26.43
N ALA A 241 -5.98 -4.12 -26.74
CA ALA A 241 -6.32 -3.01 -25.82
C ALA A 241 -6.98 -3.53 -24.53
N GLY A 242 -7.61 -4.71 -24.57
CA GLY A 242 -8.48 -5.16 -23.47
C GLY A 242 -8.48 -6.67 -23.22
N TYR A 243 -7.40 -7.38 -23.52
CA TYR A 243 -7.27 -8.81 -23.14
C TYR A 243 -6.34 -8.91 -21.93
N GLU A 244 -5.05 -8.66 -22.13
CA GLU A 244 -4.00 -8.85 -21.09
C GLU A 244 -4.16 -7.74 -20.04
N THR A 245 -4.81 -6.62 -20.38
CA THR A 245 -5.11 -5.52 -19.42
C THR A 245 -6.24 -6.00 -18.49
N THR A 246 -7.33 -6.53 -19.05
CA THR A 246 -8.54 -6.97 -18.27
C THR A 246 -8.21 -8.18 -17.39
N ALA A 247 -7.46 -9.16 -17.90
CA ALA A 247 -6.82 -10.23 -17.12
C ALA A 247 -6.24 -9.62 -15.83
N ASN A 248 -5.32 -8.66 -15.97
CA ASN A 248 -4.56 -8.09 -14.83
C ASN A 248 -5.55 -7.42 -13.87
N ALA A 249 -6.47 -6.63 -14.39
CA ALA A 249 -7.47 -5.93 -13.53
C ALA A 249 -8.14 -6.97 -12.64
N ILE A 250 -8.70 -8.04 -13.23
CA ILE A 250 -9.37 -9.14 -12.47
C ILE A 250 -8.37 -9.73 -11.48
N GLY A 251 -7.21 -10.18 -11.97
CA GLY A 251 -6.12 -10.73 -11.14
C GLY A 251 -5.69 -9.81 -10.01
N ASN A 252 -5.32 -8.57 -10.32
CA ASN A 252 -4.75 -7.58 -9.37
C ASN A 252 -5.78 -7.13 -8.34
N SER A 253 -7.05 -7.08 -8.73
CA SER A 253 -8.17 -6.63 -7.88
C SER A 253 -8.37 -7.69 -6.79
N VAL A 254 -8.66 -8.93 -7.20
CA VAL A 254 -8.75 -10.08 -6.26
C VAL A 254 -7.60 -9.93 -5.26
N TYR A 255 -6.36 -9.83 -5.75
CA TYR A 255 -5.17 -9.72 -4.90
C TYR A 255 -5.41 -8.64 -3.84
N THR A 256 -5.62 -7.41 -4.29
CA THR A 256 -5.77 -6.20 -3.43
C THR A 256 -6.90 -6.42 -2.41
N LEU A 257 -8.02 -6.99 -2.85
CA LEU A 257 -9.25 -7.29 -2.04
C LEU A 257 -8.95 -8.32 -0.94
N LEU A 258 -8.14 -9.34 -1.24
CA LEU A 258 -7.79 -10.41 -0.27
C LEU A 258 -6.81 -9.88 0.78
N THR A 259 -5.98 -8.90 0.41
CA THR A 259 -5.03 -8.26 1.36
C THR A 259 -5.69 -7.06 2.06
N HIS A 260 -7.02 -6.97 2.07
CA HIS A 260 -7.78 -5.89 2.79
C HIS A 260 -9.19 -6.35 3.10
N PRO A 261 -9.38 -7.45 3.88
CA PRO A 261 -10.69 -8.08 4.06
C PRO A 261 -11.79 -7.19 4.68
N GLU A 262 -11.42 -6.17 5.47
CA GLU A 262 -12.40 -5.15 5.95
C GLU A 262 -13.33 -4.78 4.79
N LYS A 263 -12.80 -4.89 3.56
CA LYS A 263 -13.39 -4.36 2.31
C LYS A 263 -13.88 -5.51 1.42
N LEU A 264 -13.33 -6.71 1.56
CA LEU A 264 -13.99 -7.92 1.00
C LEU A 264 -15.30 -8.14 1.76
N ALA A 265 -15.22 -8.21 3.09
CA ALA A 265 -16.37 -8.38 4.00
C ALA A 265 -17.45 -7.36 3.68
N GLU A 266 -17.05 -6.13 3.36
CA GLU A 266 -18.00 -5.04 3.05
C GLU A 266 -18.72 -5.39 1.76
N LEU A 267 -18.17 -6.31 0.99
CA LEU A 267 -18.80 -6.64 -0.31
C LEU A 267 -19.63 -7.92 -0.18
N ARG A 268 -19.32 -8.78 0.79
CA ARG A 268 -20.09 -10.04 0.95
C ARG A 268 -21.37 -9.74 1.71
N LYS A 269 -21.34 -8.66 2.48
CA LYS A 269 -22.57 -8.27 3.21
C LYS A 269 -23.53 -7.73 2.16
N ASP A 270 -23.09 -6.77 1.35
CA ASP A 270 -23.99 -6.22 0.28
C ASP A 270 -23.23 -6.16 -1.04
N LEU A 271 -23.82 -6.69 -2.11
CA LEU A 271 -23.20 -6.73 -3.46
C LEU A 271 -23.66 -5.54 -4.28
N SER A 272 -24.65 -4.83 -3.78
CA SER A 272 -25.15 -3.62 -4.50
C SER A 272 -24.00 -2.60 -4.59
N LEU A 273 -22.93 -2.79 -3.82
CA LEU A 273 -21.73 -1.89 -3.80
C LEU A 273 -20.86 -2.07 -5.04
N ILE A 274 -20.82 -3.28 -5.64
CA ILE A 274 -19.71 -3.76 -6.51
C ILE A 274 -19.47 -2.84 -7.71
N PRO A 275 -20.53 -2.28 -8.36
CA PRO A 275 -20.33 -1.22 -9.33
C PRO A 275 -19.28 -0.21 -8.84
N LYS A 276 -19.61 0.55 -7.78
CA LYS A 276 -18.77 1.65 -7.25
C LYS A 276 -17.44 1.10 -6.72
N ALA A 277 -17.42 -0.18 -6.28
CA ALA A 277 -16.20 -0.92 -5.88
C ALA A 277 -15.28 -1.11 -7.08
N VAL A 278 -15.77 -1.76 -8.12
CA VAL A 278 -14.98 -1.95 -9.38
C VAL A 278 -14.28 -0.62 -9.67
N ASP A 279 -14.99 0.49 -9.65
CA ASP A 279 -14.39 1.80 -9.99
C ASP A 279 -13.40 2.21 -8.91
N GLU A 280 -13.64 1.89 -7.65
CA GLU A 280 -12.70 2.31 -6.57
C GLU A 280 -11.44 1.43 -6.64
N LEU A 281 -11.53 0.21 -7.14
CA LEU A 281 -10.36 -0.68 -7.33
C LEU A 281 -9.54 -0.23 -8.55
N LEU A 282 -10.25 0.29 -9.57
CA LEU A 282 -9.66 0.86 -10.81
C LEU A 282 -8.81 2.08 -10.45
N ARG A 283 -9.32 2.91 -9.54
CA ARG A 283 -8.65 4.16 -9.11
C ARG A 283 -7.32 3.82 -8.47
N ILE A 284 -7.31 2.78 -7.64
CA ILE A 284 -6.26 2.61 -6.61
C ILE A 284 -5.14 1.69 -7.12
N ILE A 285 -5.42 0.76 -8.02
CA ILE A 285 -4.39 -0.19 -8.57
C ILE A 285 -3.68 0.49 -9.75
N PRO A 286 -2.33 0.59 -9.76
CA PRO A 286 -1.61 1.06 -10.94
C PRO A 286 -1.83 0.14 -12.15
N ILE A 287 -2.05 0.74 -13.33
CA ILE A 287 -2.45 0.05 -14.59
C ILE A 287 -1.20 -0.29 -15.42
N ALA A 288 -0.14 0.53 -15.33
CA ALA A 288 1.22 0.27 -15.87
C ALA A 288 2.26 0.24 -14.74
N LYS A 289 3.45 -0.32 -15.02
CA LYS A 289 4.63 -0.38 -14.09
C LYS A 289 5.37 0.96 -14.06
N GLN A 290 4.96 1.92 -14.88
CA GLN A 290 5.67 3.22 -15.09
C GLN A 290 4.76 4.18 -15.88
N ALA A 291 5.26 5.38 -16.17
CA ALA A 291 4.53 6.48 -16.84
C ALA A 291 4.16 6.06 -18.28
N SER A 292 3.08 6.65 -18.80
CA SER A 292 2.54 6.42 -20.17
C SER A 292 3.61 6.67 -21.24
N TRP A 293 3.38 6.16 -22.44
CA TRP A 293 3.92 6.73 -23.70
C TRP A 293 3.83 8.26 -23.60
N VAL A 294 4.81 8.98 -24.15
CA VAL A 294 4.81 10.45 -24.02
C VAL A 294 3.90 11.07 -25.08
N ARG A 295 3.32 12.21 -24.73
CA ARG A 295 2.53 13.01 -25.69
C ARG A 295 3.38 14.20 -26.12
N MET A 296 3.02 14.86 -27.20
CA MET A 296 3.86 15.99 -27.66
C MET A 296 3.12 17.31 -27.65
N ALA A 297 3.72 18.30 -27.01
CA ALA A 297 3.22 19.70 -27.00
C ALA A 297 3.34 20.26 -28.42
N VAL A 298 2.21 20.60 -29.03
CA VAL A 298 2.17 21.18 -30.40
C VAL A 298 1.99 22.70 -30.29
N GLU A 299 2.03 23.24 -29.08
CA GLU A 299 1.90 24.68 -28.81
C GLU A 299 2.26 24.89 -27.34
N ASP A 300 2.90 26.01 -27.01
CA ASP A 300 3.32 26.28 -25.60
C ASP A 300 2.15 26.09 -24.64
N VAL A 301 2.37 25.28 -23.61
CA VAL A 301 1.34 24.99 -22.57
C VAL A 301 1.94 25.19 -21.17
N GLU A 302 1.14 25.68 -20.23
CA GLU A 302 1.49 25.71 -18.79
C GLU A 302 0.98 24.40 -18.16
N LEU A 303 1.88 23.61 -17.57
CA LEU A 303 1.49 22.57 -16.59
C LEU A 303 2.31 22.75 -15.33
N SER A 304 1.65 23.04 -14.21
CA SER A 304 2.24 23.11 -12.85
C SER A 304 3.14 24.35 -12.67
N GLY A 305 2.97 25.34 -13.53
CA GLY A 305 3.77 26.58 -13.43
C GLY A 305 4.96 26.55 -14.36
N THR A 306 5.00 25.58 -15.26
CA THR A 306 6.13 25.47 -16.20
C THR A 306 5.58 25.61 -17.62
N ILE A 307 6.37 26.14 -18.54
CA ILE A 307 5.89 26.34 -19.93
C ILE A 307 6.46 25.25 -20.80
N VAL A 308 5.87 24.06 -20.80
CA VAL A 308 6.39 23.02 -21.71
C VAL A 308 6.23 23.61 -23.10
N LYS A 309 7.35 23.99 -23.72
CA LYS A 309 7.33 24.66 -25.05
C LYS A 309 6.96 23.69 -26.15
N ALA A 310 6.52 24.24 -27.28
CA ALA A 310 6.12 23.40 -28.43
C ALA A 310 7.28 22.49 -28.80
N GLY A 311 7.00 21.19 -28.88
CA GLY A 311 8.03 20.21 -29.28
C GLY A 311 8.56 19.40 -28.11
N GLU A 312 8.59 19.95 -26.89
CA GLU A 312 8.94 19.18 -25.66
C GLU A 312 7.89 18.07 -25.48
N ALA A 313 8.28 16.99 -24.79
CA ALA A 313 7.43 15.80 -24.57
C ALA A 313 7.01 15.73 -23.12
N VAL A 314 5.85 15.14 -22.87
CA VAL A 314 5.24 15.01 -21.52
C VAL A 314 4.65 13.61 -21.38
N ALA A 315 5.10 12.86 -20.37
CA ALA A 315 4.51 11.57 -19.94
C ALA A 315 3.66 11.77 -18.67
N ILE A 316 2.66 10.92 -18.48
CA ILE A 316 1.69 11.09 -17.36
C ILE A 316 1.69 9.85 -16.46
N GLN A 317 1.37 10.08 -15.19
CA GLN A 317 1.16 9.05 -14.16
C GLN A 317 -0.31 9.17 -13.72
N THR A 318 -1.11 8.15 -14.04
CA THR A 318 -2.55 8.09 -13.68
C THR A 318 -2.70 7.90 -12.17
N HIS A 319 -1.75 7.23 -11.53
CA HIS A 319 -1.86 6.85 -10.09
C HIS A 319 -1.88 8.12 -9.24
N SER A 320 -0.87 8.98 -9.42
CA SER A 320 -0.69 10.24 -8.65
C SER A 320 -1.90 11.15 -8.89
N ALA A 321 -2.46 11.13 -10.09
CA ALA A 321 -3.71 11.85 -10.40
C ALA A 321 -4.88 11.17 -9.65
N ASN A 322 -4.85 9.84 -9.55
CA ASN A 322 -5.94 8.99 -8.97
C ASN A 322 -5.91 8.98 -7.44
N THR A 323 -5.00 9.71 -6.80
CA THR A 323 -4.85 9.84 -5.33
C THR A 323 -4.46 11.28 -4.96
N ASP A 324 -4.82 12.24 -5.80
CA ASP A 324 -4.52 13.69 -5.60
C ASP A 324 -5.43 14.19 -4.48
N PRO A 325 -4.87 14.77 -3.40
CA PRO A 325 -5.68 15.28 -2.30
C PRO A 325 -6.42 16.58 -2.68
N LYS A 326 -6.00 17.22 -3.76
CA LYS A 326 -6.63 18.47 -4.23
C LYS A 326 -7.94 18.13 -4.94
N VAL A 327 -8.14 16.86 -5.28
CA VAL A 327 -9.35 16.36 -6.01
C VAL A 327 -10.09 15.32 -5.16
N TYR A 328 -9.39 14.37 -4.55
CA TYR A 328 -9.99 13.28 -3.74
C TYR A 328 -9.80 13.53 -2.24
N ASP A 329 -10.82 13.22 -1.43
CA ASP A 329 -10.75 13.15 0.05
C ASP A 329 -10.30 11.72 0.43
N HIS A 330 -9.42 11.61 1.43
CA HIS A 330 -8.78 10.35 1.90
C HIS A 330 -8.39 9.52 0.69
N PRO A 331 -7.44 10.01 -0.13
CA PRO A 331 -7.12 9.40 -1.41
C PRO A 331 -6.48 8.03 -1.17
N GLU A 332 -5.55 7.97 -0.21
CA GLU A 332 -4.68 6.78 0.01
C GLU A 332 -5.44 5.79 0.89
N GLU A 333 -6.77 5.78 0.79
CA GLU A 333 -7.71 4.90 1.52
C GLU A 333 -8.83 4.48 0.57
N ILE A 334 -9.22 3.20 0.60
CA ILE A 334 -10.33 2.67 -0.24
C ILE A 334 -11.64 3.13 0.41
N ASP A 335 -12.73 3.18 -0.33
CA ASP A 335 -14.04 3.65 0.19
C ASP A 335 -15.08 3.48 -0.92
N PHE A 336 -16.05 2.59 -0.76
CA PHE A 336 -17.00 2.23 -1.84
C PHE A 336 -18.20 3.19 -1.89
N HIS A 337 -18.15 4.30 -1.17
CA HIS A 337 -19.29 5.25 -1.05
C HIS A 337 -18.94 6.60 -1.67
N ARG A 338 -17.78 6.71 -2.33
CA ARG A 338 -17.26 8.00 -2.90
C ARG A 338 -18.36 8.60 -3.77
N THR A 339 -18.80 9.80 -3.42
CA THR A 339 -19.85 10.60 -4.14
C THR A 339 -19.64 10.47 -5.66
N SER A 340 -18.52 10.99 -6.17
CA SER A 340 -18.07 10.81 -7.58
C SER A 340 -16.69 10.12 -7.56
N ASN A 341 -16.23 9.62 -8.70
CA ASN A 341 -14.90 8.99 -8.81
C ASN A 341 -14.29 9.31 -10.17
N PRO A 342 -13.75 10.53 -10.36
CA PRO A 342 -13.15 10.94 -11.64
C PRO A 342 -11.72 10.42 -11.85
N HIS A 343 -11.51 9.10 -11.72
CA HIS A 343 -10.17 8.47 -11.86
C HIS A 343 -9.74 8.55 -13.32
N MET A 344 -8.48 8.24 -13.60
CA MET A 344 -7.88 8.29 -14.95
C MET A 344 -7.43 6.89 -15.36
N SER A 345 -7.71 5.85 -14.56
CA SER A 345 -7.30 4.44 -14.84
C SER A 345 -7.85 3.98 -16.19
N LEU A 346 -8.94 4.59 -16.67
CA LEU A 346 -9.65 4.18 -17.91
C LEU A 346 -9.63 5.31 -18.94
N GLY A 347 -8.67 6.23 -18.81
CA GLY A 347 -8.46 7.36 -19.74
C GLY A 347 -9.40 8.52 -19.46
N HIS A 348 -9.25 9.61 -20.21
CA HIS A 348 -10.01 10.88 -20.03
C HIS A 348 -10.23 11.52 -21.41
N GLY A 349 -11.41 12.09 -21.61
CA GLY A 349 -11.77 12.89 -22.80
C GLY A 349 -11.78 12.07 -24.08
N ALA A 350 -11.19 12.63 -25.14
CA ALA A 350 -11.32 12.20 -26.56
C ALA A 350 -10.99 10.70 -26.70
N HIS A 351 -9.91 10.23 -26.07
CA HIS A 351 -9.36 8.87 -26.26
C HIS A 351 -9.79 7.92 -25.14
N HIS A 352 -10.84 8.27 -24.36
CA HIS A 352 -11.26 7.50 -23.16
C HIS A 352 -11.54 6.05 -23.58
N CYS A 353 -11.29 5.07 -22.70
CA CYS A 353 -11.43 3.63 -23.00
C CYS A 353 -12.84 3.35 -23.55
N MET A 354 -12.92 2.82 -24.78
CA MET A 354 -14.24 2.49 -25.38
C MET A 354 -14.60 1.03 -25.05
N GLY A 355 -13.88 0.40 -24.14
CA GLY A 355 -14.32 -0.85 -23.46
C GLY A 355 -14.94 -0.53 -22.12
N ALA A 356 -14.70 0.67 -21.61
CA ALA A 356 -15.06 1.13 -20.25
C ALA A 356 -16.26 0.33 -19.76
N GLN A 357 -17.35 0.33 -20.52
CA GLN A 357 -18.61 -0.33 -20.10
C GLN A 357 -18.38 -1.85 -19.98
N LEU A 358 -17.68 -2.46 -20.93
CA LEU A 358 -17.52 -3.94 -20.99
C LEU A 358 -16.66 -4.35 -19.80
N VAL A 359 -15.51 -3.70 -19.66
CA VAL A 359 -14.62 -3.73 -18.46
C VAL A 359 -15.46 -3.80 -17.18
N ARG A 360 -16.25 -2.75 -16.91
CA ARG A 360 -17.09 -2.67 -15.67
C ARG A 360 -17.94 -3.94 -15.58
N VAL A 361 -18.67 -4.26 -16.65
CA VAL A 361 -19.50 -5.49 -16.80
C VAL A 361 -18.64 -6.71 -16.41
N GLU A 362 -17.60 -7.01 -17.20
CA GLU A 362 -16.67 -8.13 -16.94
C GLU A 362 -16.32 -8.14 -15.45
N MET A 363 -15.68 -7.07 -14.97
CA MET A 363 -15.16 -6.97 -13.58
C MET A 363 -16.29 -7.10 -12.56
N GLN A 364 -17.40 -6.41 -12.78
CA GLN A 364 -18.58 -6.49 -11.86
C GLN A 364 -19.00 -7.96 -11.73
N THR A 365 -19.32 -8.63 -12.82
CA THR A 365 -19.82 -10.02 -12.69
C THR A 365 -18.66 -10.95 -12.32
N ALA A 366 -17.45 -10.59 -12.69
CA ALA A 366 -16.29 -11.44 -12.33
C ALA A 366 -16.17 -11.50 -10.82
N LEU A 367 -15.91 -10.36 -10.20
CA LEU A 367 -15.75 -10.32 -8.73
C LEU A 367 -17.03 -10.80 -8.06
N GLY A 368 -18.16 -10.20 -8.44
CA GLY A 368 -19.50 -10.48 -7.91
C GLY A 368 -19.72 -11.95 -7.65
N SER A 369 -19.84 -12.77 -8.69
CA SER A 369 -20.05 -14.22 -8.47
C SER A 369 -18.88 -14.75 -7.63
N LEU A 370 -17.68 -14.63 -8.18
CA LEU A 370 -16.45 -15.04 -7.43
C LEU A 370 -16.66 -14.92 -5.91
N ILE A 371 -17.08 -13.76 -5.43
CA ILE A 371 -17.30 -13.46 -3.98
C ILE A 371 -18.49 -14.28 -3.53
N SER A 372 -19.65 -13.98 -4.12
CA SER A 372 -20.97 -14.63 -3.87
C SER A 372 -20.79 -16.15 -3.85
N ARG A 373 -20.34 -16.74 -4.95
CA ARG A 373 -20.22 -18.22 -5.10
C ARG A 373 -19.37 -18.76 -3.94
N ILE A 374 -18.23 -18.12 -3.63
CA ILE A 374 -17.13 -18.72 -2.78
C ILE A 374 -16.74 -17.77 -1.65
N PRO A 375 -17.64 -17.39 -0.73
CA PRO A 375 -17.34 -16.33 0.24
C PRO A 375 -16.28 -16.70 1.30
N ALA A 376 -15.73 -17.92 1.22
CA ALA A 376 -14.65 -18.45 2.10
C ALA A 376 -13.34 -18.50 1.32
N LEU A 377 -13.18 -17.61 0.33
CA LEU A 377 -11.99 -17.58 -0.56
C LEU A 377 -10.82 -17.00 0.25
N ARG A 378 -9.61 -17.48 -0.02
CA ARG A 378 -8.39 -17.01 0.68
C ARG A 378 -7.13 -17.47 -0.10
N PHE A 379 -5.99 -16.81 0.14
CA PHE A 379 -4.65 -17.21 -0.37
C PHE A 379 -4.25 -18.59 0.16
N ALA A 380 -3.50 -19.33 -0.65
CA ALA A 380 -2.95 -20.66 -0.34
C ALA A 380 -1.49 -20.52 0.10
N VAL A 381 -1.07 -19.30 0.42
CA VAL A 381 0.38 -18.95 0.57
C VAL A 381 0.43 -17.61 1.30
N PRO A 382 1.54 -17.30 2.00
CA PRO A 382 1.69 -16.01 2.66
C PRO A 382 1.77 -14.96 1.55
N GLU A 383 0.96 -13.92 1.63
CA GLU A 383 0.94 -12.91 0.55
C GLU A 383 2.34 -12.44 0.21
N PRO A 384 3.22 -12.07 1.15
CA PRO A 384 4.49 -11.48 0.72
C PRO A 384 5.21 -12.39 -0.27
N ARG A 385 4.85 -13.68 -0.29
CA ARG A 385 5.51 -14.78 -1.04
C ARG A 385 4.90 -14.90 -2.44
N ILE A 386 3.82 -14.17 -2.71
CA ILE A 386 3.10 -14.15 -4.01
C ILE A 386 3.90 -13.30 -5.00
N LYS A 387 4.46 -13.94 -6.02
CA LYS A 387 5.47 -13.35 -6.94
C LYS A 387 4.76 -12.71 -8.14
N PHE A 388 5.37 -11.66 -8.69
CA PHE A 388 4.92 -10.90 -9.89
C PHE A 388 5.91 -11.22 -11.02
N LEU A 389 5.77 -10.58 -12.18
CA LEU A 389 6.64 -10.76 -13.39
C LEU A 389 7.60 -9.56 -13.54
N ARG A 390 8.75 -9.78 -14.19
CA ARG A 390 9.79 -8.74 -14.47
C ARG A 390 9.68 -8.25 -15.92
N GLY A 391 9.11 -9.05 -16.82
CA GLY A 391 9.22 -8.84 -18.29
C GLY A 391 8.00 -8.21 -18.92
N ARG A 392 7.40 -7.19 -18.30
CA ARG A 392 6.23 -6.44 -18.84
C ARG A 392 6.35 -4.94 -18.55
N LEU A 393 5.33 -4.20 -18.96
CA LEU A 393 5.13 -2.75 -18.68
C LEU A 393 3.91 -2.56 -17.77
N VAL A 394 3.04 -3.58 -17.66
CA VAL A 394 1.87 -3.61 -16.72
C VAL A 394 2.20 -4.54 -15.55
N PRO A 395 1.74 -4.21 -14.32
CA PRO A 395 1.92 -5.08 -13.16
C PRO A 395 0.99 -6.30 -13.27
N SER A 396 1.55 -7.51 -13.23
CA SER A 396 0.79 -8.77 -13.45
C SER A 396 1.35 -9.86 -12.54
N LEU A 397 0.46 -10.56 -11.87
CA LEU A 397 0.88 -11.65 -10.98
C LEU A 397 1.44 -12.75 -11.86
N GLU A 398 2.49 -13.41 -11.39
CA GLU A 398 3.09 -14.58 -12.08
C GLU A 398 2.10 -15.72 -11.92
N ALA A 399 1.47 -15.77 -10.76
CA ALA A 399 0.38 -16.69 -10.41
C ALA A 399 -0.27 -16.16 -9.15
N LEU A 400 -1.57 -16.38 -9.04
CA LEU A 400 -2.38 -16.04 -7.85
C LEU A 400 -3.02 -17.34 -7.37
N PRO A 401 -2.31 -18.14 -6.54
CA PRO A 401 -2.89 -19.35 -5.97
C PRO A 401 -3.84 -19.00 -4.81
N LEU A 402 -4.99 -19.69 -4.74
CA LEU A 402 -6.03 -19.47 -3.72
C LEU A 402 -6.48 -20.79 -3.10
N THR A 403 -7.40 -20.72 -2.14
CA THR A 403 -8.12 -21.87 -1.55
C THR A 403 -9.48 -21.42 -1.00
N TRP A 404 -10.30 -22.39 -0.60
CA TRP A 404 -11.74 -22.19 -0.29
C TRP A 404 -12.31 -23.46 0.39
N ALA B 12 -3.69 -25.48 29.03
CA ALA B 12 -3.28 -24.04 28.95
C ALA B 12 -1.94 -23.79 29.67
N CYS B 13 -0.83 -23.85 28.95
CA CYS B 13 0.51 -23.41 29.41
C CYS B 13 0.40 -21.98 29.96
N PRO B 14 0.75 -21.73 31.24
CA PRO B 14 0.63 -20.38 31.83
C PRO B 14 1.57 -19.34 31.21
N TYR B 15 1.06 -18.13 31.01
CA TYR B 15 1.76 -17.04 30.28
C TYR B 15 1.89 -15.83 31.21
N PRO B 16 2.93 -14.97 31.11
CA PRO B 16 4.09 -15.18 30.24
C PRO B 16 4.95 -16.35 30.70
N PHE B 17 5.81 -16.88 29.81
CA PHE B 17 6.65 -18.09 30.03
C PHE B 17 7.87 -17.72 30.88
N ALA B 18 8.43 -16.54 30.61
CA ALA B 18 9.62 -16.03 31.29
C ALA B 18 9.52 -14.51 31.37
N GLU B 19 10.23 -13.87 32.30
CA GLU B 19 10.10 -12.40 32.46
C GLU B 19 10.81 -11.59 31.37
N MET B 20 11.73 -12.20 30.62
CA MET B 20 12.55 -11.45 29.61
C MET B 20 13.42 -10.41 30.32
N GLU B 21 14.47 -10.85 31.00
CA GLU B 21 15.34 -9.90 31.73
C GLU B 21 15.82 -8.81 30.77
N ARG B 22 16.70 -9.16 29.84
CA ARG B 22 17.26 -8.13 28.93
C ARG B 22 16.38 -7.93 27.70
N LEU B 23 16.86 -8.31 26.53
CA LEU B 23 16.10 -8.06 25.29
C LEU B 23 15.93 -9.35 24.49
N GLU B 24 15.98 -10.50 25.15
CA GLU B 24 15.83 -11.76 24.39
C GLU B 24 14.48 -12.39 24.71
N ILE B 25 13.96 -13.14 23.75
CA ILE B 25 12.59 -13.71 23.79
C ILE B 25 12.69 -15.20 24.04
N HIS B 26 11.62 -15.79 24.57
CA HIS B 26 11.52 -17.25 24.88
C HIS B 26 11.54 -18.02 23.57
N PRO B 27 12.16 -19.20 23.56
CA PRO B 27 12.26 -20.01 22.35
C PRO B 27 10.95 -20.68 21.97
N GLU B 28 10.01 -20.76 22.92
CA GLU B 28 8.73 -21.43 22.70
C GLU B 28 8.04 -20.89 21.45
N TYR B 29 7.63 -19.62 21.52
CA TYR B 29 6.95 -18.82 20.46
C TYR B 29 7.38 -19.30 19.09
N ASN B 30 8.69 -19.28 18.84
CA ASN B 30 9.19 -19.77 17.54
C ASN B 30 8.90 -21.27 17.40
N ARG B 31 8.86 -21.99 18.52
CA ARG B 31 8.67 -23.46 18.48
C ARG B 31 7.20 -23.82 18.31
N LEU B 32 6.32 -22.83 18.40
CA LEU B 32 4.85 -23.00 18.20
C LEU B 32 4.44 -22.56 16.78
N ARG B 33 5.19 -21.63 16.15
CA ARG B 33 4.88 -21.16 14.77
C ARG B 33 5.24 -22.24 13.75
N ASP B 34 6.37 -22.92 13.93
CA ASP B 34 6.97 -23.87 12.96
C ASP B 34 6.30 -25.23 13.15
N ALA B 35 5.97 -25.57 14.39
CA ALA B 35 5.06 -26.69 14.76
C ALA B 35 3.71 -26.45 14.09
N GLY B 36 3.54 -25.32 13.41
CA GLY B 36 2.29 -24.95 12.72
C GLY B 36 1.13 -24.96 13.69
N GLU B 37 1.40 -24.57 14.94
CA GLU B 37 0.45 -24.66 16.06
C GLU B 37 -0.12 -23.27 16.36
N LEU B 38 -1.21 -23.26 17.13
CA LEU B 38 -1.82 -22.09 17.79
C LEU B 38 -1.78 -22.37 19.29
N GLY B 39 -1.15 -21.48 20.06
CA GLY B 39 -0.93 -21.68 21.51
C GLY B 39 -2.19 -21.44 22.30
N ARG B 40 -2.40 -22.22 23.37
CA ARG B 40 -3.47 -22.01 24.37
C ARG B 40 -2.77 -21.60 25.65
N VAL B 41 -3.01 -20.39 26.16
CA VAL B 41 -2.24 -19.87 27.31
C VAL B 41 -3.22 -19.40 28.39
N LEU B 42 -2.74 -19.38 29.64
CA LEU B 42 -3.48 -18.89 30.84
C LEU B 42 -2.90 -17.53 31.25
N MET B 43 -3.48 -16.44 30.74
CA MET B 43 -3.08 -15.06 31.11
C MET B 43 -3.20 -14.94 32.63
N PRO B 44 -2.38 -14.12 33.31
CA PRO B 44 -2.38 -14.07 34.78
C PRO B 44 -3.73 -13.54 35.34
N TYR B 45 -4.37 -12.61 34.64
CA TYR B 45 -5.73 -12.12 34.94
C TYR B 45 -6.62 -12.44 33.74
N GLY B 46 -7.94 -12.27 33.90
CA GLY B 46 -8.91 -12.87 32.99
C GLY B 46 -8.55 -14.32 32.85
N GLY B 47 -9.06 -15.02 31.84
CA GLY B 47 -8.85 -16.47 31.76
C GLY B 47 -7.76 -16.87 30.79
N GLU B 48 -8.05 -17.97 30.07
CA GLU B 48 -7.24 -18.54 28.95
C GLU B 48 -7.53 -17.78 27.65
N THR B 49 -6.51 -17.70 26.79
CA THR B 49 -6.55 -17.03 25.47
C THR B 49 -5.82 -17.92 24.47
N TRP B 50 -6.01 -17.67 23.17
CA TRP B 50 -5.16 -18.23 22.09
C TRP B 50 -3.95 -17.31 21.86
N LEU B 51 -2.92 -17.81 21.19
CA LEU B 51 -1.63 -17.10 20.94
C LEU B 51 -1.17 -17.39 19.50
N ALA B 52 -1.22 -16.38 18.63
CA ALA B 52 -0.77 -16.45 17.21
C ALA B 52 0.70 -16.01 17.13
N THR B 53 1.52 -16.74 16.36
CA THR B 53 2.99 -16.50 16.23
C THR B 53 3.41 -16.52 14.76
N SER B 54 2.69 -17.26 13.90
CA SER B 54 2.86 -17.21 12.41
C SER B 54 2.74 -15.77 11.93
N TRP B 55 3.47 -15.42 10.86
CA TRP B 55 3.28 -14.12 10.16
C TRP B 55 1.85 -14.07 9.64
N GLU B 56 1.39 -15.15 9.01
CA GLU B 56 0.09 -15.24 8.28
C GLU B 56 -1.05 -15.08 9.30
N ASP B 57 -0.92 -15.73 10.44
CA ASP B 57 -1.92 -15.71 11.55
C ASP B 57 -1.90 -14.35 12.27
N VAL B 58 -0.74 -13.71 12.45
CA VAL B 58 -0.64 -12.32 13.03
C VAL B 58 -1.12 -11.31 12.00
N ALA B 59 -0.72 -11.47 10.73
CA ALA B 59 -1.24 -10.62 9.63
C ALA B 59 -2.78 -10.62 9.71
N LYS B 60 -3.40 -11.78 9.91
CA LYS B 60 -4.87 -11.91 9.82
C LYS B 60 -5.48 -11.12 10.98
N VAL B 61 -4.96 -11.32 12.18
CA VAL B 61 -5.55 -10.77 13.45
C VAL B 61 -5.50 -9.24 13.42
N PHE B 62 -4.53 -8.66 12.72
CA PHE B 62 -4.38 -7.19 12.53
C PHE B 62 -5.41 -6.58 11.56
N VAL B 63 -5.92 -7.37 10.60
CA VAL B 63 -6.65 -6.88 9.40
C VAL B 63 -8.01 -7.57 9.24
N ASP B 64 -8.11 -8.87 9.48
CA ASP B 64 -9.40 -9.58 9.33
C ASP B 64 -10.46 -8.88 10.18
N PRO B 65 -11.65 -8.58 9.62
CA PRO B 65 -12.72 -7.91 10.39
C PRO B 65 -13.49 -8.81 11.36
N ARG B 66 -13.03 -10.05 11.55
CA ARG B 66 -13.68 -11.03 12.45
C ARG B 66 -13.08 -10.91 13.86
N PHE B 67 -12.21 -9.91 14.09
CA PHE B 67 -11.48 -9.69 15.36
C PHE B 67 -11.65 -8.26 15.87
N SER B 68 -12.72 -8.00 16.60
CA SER B 68 -12.97 -6.68 17.24
C SER B 68 -11.84 -6.33 18.22
N ARG B 69 -11.41 -5.07 18.24
CA ARG B 69 -10.70 -4.45 19.40
C ARG B 69 -11.75 -3.91 20.40
N SER B 70 -12.89 -3.44 19.89
CA SER B 70 -14.01 -2.81 20.67
C SER B 70 -14.54 -3.74 21.77
N ALA B 71 -14.59 -5.04 21.52
CA ALA B 71 -15.28 -6.05 22.37
C ALA B 71 -14.54 -6.33 23.69
N THR B 72 -13.42 -5.64 23.97
CA THR B 72 -12.57 -5.84 25.16
C THR B 72 -12.65 -4.64 26.11
N LEU B 73 -13.36 -3.61 25.66
CA LEU B 73 -13.64 -2.42 26.47
C LEU B 73 -14.78 -2.85 27.39
N GLY B 74 -14.62 -2.69 28.69
CA GLY B 74 -15.73 -3.11 29.54
C GLY B 74 -15.54 -4.51 30.08
N LYS B 75 -15.61 -5.56 29.25
CA LYS B 75 -15.46 -6.84 29.97
C LYS B 75 -14.04 -7.00 30.51
N ASP B 76 -13.81 -8.08 31.26
CA ASP B 76 -12.47 -8.42 31.81
C ASP B 76 -11.97 -9.60 30.99
N VAL B 77 -10.94 -9.36 30.20
CA VAL B 77 -10.44 -10.37 29.23
C VAL B 77 -9.09 -10.90 29.68
N PRO B 78 -8.60 -12.00 29.07
CA PRO B 78 -7.29 -12.55 29.36
C PRO B 78 -6.30 -11.38 29.29
N ARG B 79 -5.74 -11.01 30.43
CA ARG B 79 -4.89 -9.80 30.50
C ARG B 79 -3.69 -10.02 31.42
N VAL B 80 -2.74 -9.10 31.37
CA VAL B 80 -1.46 -9.16 32.13
C VAL B 80 -1.53 -8.12 33.26
N LEU B 81 -2.06 -6.92 32.99
CA LEU B 81 -2.39 -5.90 34.03
C LEU B 81 -3.71 -6.27 34.71
N PRO B 82 -3.84 -6.09 36.04
CA PRO B 82 -5.14 -6.24 36.70
C PRO B 82 -6.18 -5.25 36.16
N ALA B 83 -5.79 -3.98 36.02
CA ALA B 83 -6.56 -2.87 35.40
C ALA B 83 -7.28 -3.37 34.14
N ILE B 84 -8.61 -3.19 34.08
CA ILE B 84 -9.47 -3.62 32.93
C ILE B 84 -9.22 -2.70 31.75
N GLN B 87 -13.26 2.36 29.30
CA GLN B 87 -12.01 3.15 29.24
C GLN B 87 -11.60 3.40 27.78
N PRO B 88 -12.49 3.94 26.91
CA PRO B 88 -12.24 4.06 25.48
C PRO B 88 -10.90 4.70 25.09
N VAL B 89 -10.34 4.28 23.94
CA VAL B 89 -9.04 4.69 23.34
C VAL B 89 -9.10 4.35 21.84
N ILE B 90 -8.45 5.14 20.98
CA ILE B 90 -8.42 4.94 19.50
C ILE B 90 -8.06 3.48 19.16
N MET B 91 -7.04 2.91 19.81
CA MET B 91 -6.49 1.58 19.49
C MET B 91 -7.47 0.46 19.85
N LEU B 92 -8.51 0.73 20.65
CA LEU B 92 -9.55 -0.26 21.05
C LEU B 92 -10.82 -0.03 20.24
N MET B 93 -10.71 0.47 19.02
CA MET B 93 -11.90 0.82 18.20
C MET B 93 -11.93 -0.02 16.93
N ASP B 94 -13.13 -0.40 16.48
CA ASP B 94 -13.38 -1.11 15.20
C ASP B 94 -13.92 -0.14 14.16
N PRO B 95 -14.02 -0.53 12.88
CA PRO B 95 -14.89 0.15 11.93
C PRO B 95 -16.31 -0.01 12.48
N PRO B 96 -17.21 0.98 12.31
CA PRO B 96 -16.95 2.18 11.51
C PRO B 96 -16.53 3.50 12.21
N GLU B 97 -16.48 3.49 13.55
CA GLU B 97 -16.08 4.69 14.36
C GLU B 97 -14.58 4.95 14.17
N HIS B 98 -13.79 3.89 14.12
CA HIS B 98 -12.33 3.92 13.88
C HIS B 98 -12.07 4.57 12.52
N THR B 99 -12.56 3.95 11.46
CA THR B 99 -12.41 4.36 10.05
C THR B 99 -12.60 5.88 9.95
N ARG B 100 -13.73 6.37 10.49
CA ARG B 100 -14.13 7.80 10.46
C ARG B 100 -13.06 8.64 11.18
N LEU B 101 -12.55 8.15 12.30
CA LEU B 101 -11.57 8.88 13.13
C LEU B 101 -10.20 8.84 12.42
N ARG B 102 -9.82 7.68 11.90
CA ARG B 102 -8.55 7.49 11.14
C ARG B 102 -8.57 8.47 9.96
N ARG B 103 -9.56 8.31 9.07
CA ARG B 103 -9.97 9.22 7.97
C ARG B 103 -9.68 10.69 8.27
N LEU B 104 -10.17 11.19 9.41
CA LEU B 104 -10.07 12.61 9.81
C LEU B 104 -8.64 12.93 10.26
N ALA B 105 -8.07 12.15 11.18
CA ALA B 105 -6.69 12.28 11.68
C ALA B 105 -5.67 12.16 10.52
N THR B 106 -5.82 11.15 9.67
CA THR B 106 -4.92 10.94 8.52
C THR B 106 -4.79 12.17 7.61
N LYS B 107 -5.84 12.99 7.52
CA LYS B 107 -5.90 14.19 6.66
C LYS B 107 -4.98 15.30 7.18
N ALA B 108 -4.57 15.17 8.43
CA ALA B 108 -3.74 16.14 9.17
C ALA B 108 -2.36 15.51 9.38
N LEU B 109 -2.30 14.36 10.06
CA LEU B 109 -1.06 13.57 10.26
C LEU B 109 -0.75 12.84 8.94
N THR B 110 0.21 13.38 8.18
CA THR B 110 0.45 13.04 6.76
C THR B 110 1.94 12.75 6.56
N SER B 111 2.24 11.76 5.73
CA SER B 111 3.60 11.42 5.23
C SER B 111 4.38 12.72 4.91
N ARG B 112 3.74 13.69 4.25
CA ARG B 112 4.42 14.96 3.88
C ARG B 112 4.76 15.80 5.11
N ARG B 113 3.85 15.84 6.10
CA ARG B 113 4.02 16.64 7.36
C ARG B 113 5.15 16.12 8.25
N MET B 114 5.39 14.82 8.20
CA MET B 114 6.38 14.11 9.08
C MET B 114 7.76 14.21 8.42
N GLU B 115 7.84 14.00 7.11
CA GLU B 115 9.09 14.21 6.31
C GLU B 115 9.54 15.67 6.48
N ALA B 116 8.57 16.60 6.50
CA ALA B 116 8.81 18.05 6.62
C ALA B 116 9.33 18.41 8.01
N LEU B 117 9.50 17.45 8.92
CA LEU B 117 10.11 17.68 10.26
C LEU B 117 11.56 17.16 10.29
N ARG B 118 12.04 16.59 9.18
CA ARG B 118 13.41 16.04 9.08
C ARG B 118 14.40 17.19 9.32
N PRO B 119 14.27 18.35 8.64
CA PRO B 119 15.17 19.48 8.87
C PRO B 119 15.17 19.95 10.33
N ARG B 120 14.02 19.98 11.00
CA ARG B 120 13.96 20.24 12.47
C ARG B 120 14.71 19.12 13.22
N THR B 121 14.24 17.87 13.12
CA THR B 121 14.83 16.67 13.79
C THR B 121 16.36 16.76 13.68
N GLN B 122 16.91 16.67 12.45
CA GLN B 122 18.37 16.87 12.16
C GLN B 122 18.97 17.87 13.15
N GLU B 123 18.51 19.13 13.13
CA GLU B 123 19.15 20.23 13.91
C GLU B 123 18.94 20.00 15.41
N VAL B 124 17.74 19.60 15.88
CA VAL B 124 17.50 19.42 17.35
C VAL B 124 18.13 18.10 17.82
N ALA B 125 18.37 17.15 16.90
CA ALA B 125 19.20 15.94 17.14
C ALA B 125 20.65 16.37 17.24
N ASP B 126 21.11 17.00 16.15
CA ASP B 126 22.48 17.54 15.96
C ASP B 126 22.76 18.57 17.04
N ASP B 127 21.72 19.02 17.74
CA ASP B 127 21.86 20.01 18.84
C ASP B 127 22.01 19.26 20.15
N LEU B 128 21.49 18.02 20.20
CA LEU B 128 21.53 17.14 21.40
C LEU B 128 22.88 16.44 21.46
N ILE B 129 23.45 16.18 20.30
CA ILE B 129 24.81 15.57 20.27
C ILE B 129 25.73 16.59 20.94
N ASP B 130 25.70 17.83 20.44
CA ASP B 130 26.53 18.95 20.92
C ASP B 130 26.57 19.03 22.44
N LYS B 131 25.41 18.98 23.09
CA LYS B 131 25.39 19.08 24.57
C LYS B 131 26.03 17.83 25.17
N MET B 132 25.62 16.65 24.72
CA MET B 132 26.12 15.36 25.25
C MET B 132 27.64 15.38 25.26
N LEU B 133 28.21 15.69 24.10
CA LEU B 133 29.68 15.80 23.88
C LEU B 133 30.21 16.86 24.85
N ALA B 134 29.83 18.12 24.62
CA ALA B 134 30.20 19.26 25.49
C ALA B 134 30.35 18.76 26.93
N LYS B 135 29.29 18.18 27.48
CA LYS B 135 29.24 17.70 28.89
C LYS B 135 30.44 16.84 29.28
N GLY B 136 31.12 16.22 28.32
CA GLY B 136 32.29 15.36 28.55
C GLY B 136 31.90 13.93 28.89
N ALA B 137 32.36 12.98 28.06
CA ALA B 137 32.17 11.52 28.24
C ALA B 137 32.56 11.09 29.66
N PRO B 138 31.91 10.07 30.26
CA PRO B 138 30.92 9.23 29.59
C PRO B 138 29.52 9.85 29.62
N ALA B 139 28.65 9.43 28.71
CA ALA B 139 27.25 9.90 28.58
C ALA B 139 26.31 8.69 28.69
N ASP B 140 25.11 8.94 29.23
CA ASP B 140 23.96 8.01 29.20
C ASP B 140 23.06 8.45 28.05
N LEU B 141 23.20 7.79 26.89
CA LEU B 141 22.44 8.14 25.68
C LEU B 141 20.96 8.22 26.01
N MET B 142 20.52 7.46 26.99
CA MET B 142 19.08 7.48 27.31
C MET B 142 18.70 8.87 27.81
N GLU B 143 19.28 9.29 28.93
CA GLU B 143 18.93 10.61 29.50
C GLU B 143 19.46 11.72 28.61
N ASP B 144 20.61 11.50 28.00
CA ASP B 144 21.25 12.58 27.22
C ASP B 144 20.73 12.61 25.78
N PHE B 145 20.10 11.56 25.27
CA PHE B 145 19.72 11.62 23.84
C PHE B 145 18.41 10.91 23.49
N ALA B 146 18.32 9.61 23.79
CA ALA B 146 17.16 8.80 23.37
C ALA B 146 15.86 9.26 24.02
N LEU B 147 15.90 9.82 25.22
CA LEU B 147 14.63 10.20 25.89
C LEU B 147 14.11 11.52 25.36
N PRO B 148 14.92 12.59 25.30
CA PRO B 148 14.43 13.89 24.85
C PRO B 148 13.98 14.06 23.39
N LEU B 149 14.73 13.53 22.44
CA LEU B 149 14.45 13.68 20.99
C LEU B 149 12.99 13.38 20.63
N PRO B 150 12.35 12.29 21.09
CA PRO B 150 10.98 12.00 20.73
C PRO B 150 9.95 12.97 21.34
N ILE B 151 10.20 13.44 22.55
CA ILE B 151 9.28 14.41 23.24
C ILE B 151 9.52 15.82 22.69
N ILE B 152 10.77 16.22 22.38
CA ILE B 152 11.06 17.51 21.68
C ILE B 152 10.35 17.49 20.33
N MET B 153 10.24 16.32 19.70
CA MET B 153 9.65 16.19 18.35
C MET B 153 8.13 15.97 18.42
N ILE B 154 7.59 15.49 19.54
CA ILE B 154 6.10 15.50 19.73
C ILE B 154 5.71 16.97 19.90
N CYS B 155 6.38 17.68 20.81
CA CYS B 155 6.26 19.13 21.08
C CYS B 155 6.25 19.92 19.76
N GLU B 156 7.17 19.60 18.85
CA GLU B 156 7.34 20.36 17.58
C GLU B 156 6.19 20.04 16.61
N LEU B 157 5.80 18.77 16.51
CA LEU B 157 4.74 18.25 15.61
C LEU B 157 3.38 18.77 16.11
N LEU B 158 3.20 18.87 17.41
CA LEU B 158 2.03 19.53 18.02
C LEU B 158 2.15 21.06 17.94
N GLY B 159 3.32 21.58 17.52
CA GLY B 159 3.60 23.03 17.52
C GLY B 159 3.28 23.63 18.87
N VAL B 160 4.15 23.39 19.86
CA VAL B 160 4.06 23.90 21.26
C VAL B 160 5.20 24.90 21.44
N PRO B 161 4.92 26.12 21.94
CA PRO B 161 5.95 27.14 22.18
C PRO B 161 7.21 26.68 22.92
N ILE B 162 8.35 26.67 22.22
CA ILE B 162 9.67 26.21 22.74
C ILE B 162 9.85 26.59 24.19
N GLU B 163 9.10 27.55 24.70
CA GLU B 163 9.38 27.90 26.12
C GLU B 163 8.74 26.86 27.02
N ASP B 164 7.66 26.22 26.55
CA ASP B 164 6.93 25.23 27.37
C ASP B 164 7.48 23.83 27.12
N GLN B 165 8.22 23.67 26.02
CA GLN B 165 8.74 22.31 25.68
C GLN B 165 9.47 21.71 26.91
N THR B 166 10.02 22.57 27.78
CA THR B 166 10.60 22.23 29.12
C THR B 166 9.49 21.90 30.13
N LYS B 167 8.63 22.87 30.47
CA LYS B 167 7.56 22.65 31.46
C LYS B 167 6.63 21.54 30.96
N PHE B 168 6.24 21.62 29.70
CA PHE B 168 5.34 20.61 29.09
C PHE B 168 6.03 19.24 29.15
N ARG B 169 7.35 19.20 28.96
CA ARG B 169 8.02 17.89 29.13
C ARG B 169 7.87 17.50 30.60
N THR B 170 8.35 18.36 31.49
CA THR B 170 8.20 18.12 32.96
C THR B 170 6.96 17.25 33.20
N TRP B 171 5.80 17.72 32.71
CA TRP B 171 4.47 17.11 32.91
C TRP B 171 4.44 15.70 32.32
N SER B 172 4.60 15.62 31.00
CA SER B 172 4.57 14.40 30.16
C SER B 172 5.40 13.26 30.78
N ASP B 173 6.38 13.57 31.63
CA ASP B 173 7.29 12.60 32.28
C ASP B 173 6.55 11.88 33.43
N GLN B 174 5.28 12.18 33.65
CA GLN B 174 4.34 11.34 34.46
C GLN B 174 3.69 10.31 33.53
N MET B 175 4.55 9.43 32.98
CA MET B 175 4.25 8.32 32.04
C MET B 175 3.24 8.81 30.99
N TYR B 181 6.88 9.31 40.50
CA TYR B 181 6.11 10.51 40.94
C TYR B 181 4.83 10.07 41.65
N SER B 182 4.44 10.81 42.70
CA SER B 182 3.39 10.45 43.69
C SER B 182 1.98 10.63 43.10
N GLN B 183 1.05 9.73 43.42
CA GLN B 183 -0.33 9.63 42.87
C GLN B 183 -1.01 10.98 42.61
N GLU B 184 -0.78 11.94 43.50
CA GLU B 184 -1.43 13.28 43.41
C GLU B 184 -0.72 14.18 42.40
N VAL B 185 0.45 13.77 41.93
CA VAL B 185 1.30 14.60 41.00
C VAL B 185 1.45 13.86 39.65
N VAL B 186 0.86 12.67 39.47
CA VAL B 186 0.65 11.99 38.14
C VAL B 186 -0.63 12.58 37.53
N MET B 187 -1.70 12.60 38.33
CA MET B 187 -3.07 12.94 37.88
C MET B 187 -3.24 14.46 37.80
N ALA B 188 -2.50 15.23 38.60
CA ALA B 188 -2.38 16.70 38.45
C ALA B 188 -1.71 17.01 37.11
N ALA B 189 -0.54 16.42 36.87
CA ALA B 189 0.24 16.50 35.61
C ALA B 189 -0.69 16.23 34.42
N GLY B 190 -1.28 15.02 34.39
CA GLY B 190 -2.17 14.53 33.32
C GLY B 190 -3.27 15.52 32.99
N GLN B 191 -3.88 16.12 34.01
CA GLN B 191 -4.99 17.09 33.84
C GLN B 191 -4.41 18.40 33.32
N SER B 192 -3.22 18.77 33.77
CA SER B 192 -2.54 20.03 33.37
C SER B 192 -2.21 19.95 31.89
N LEU B 193 -1.90 18.74 31.41
CA LEU B 193 -1.61 18.45 29.99
C LEU B 193 -2.90 18.51 29.18
N TYR B 194 -4.00 17.98 29.71
CA TYR B 194 -5.37 18.13 29.13
C TYR B 194 -5.70 19.61 29.02
N LEU B 195 -5.81 20.30 30.15
CA LEU B 195 -6.15 21.74 30.18
C LEU B 195 -5.26 22.53 29.22
N TYR B 196 -3.97 22.25 29.24
CA TYR B 196 -2.99 22.93 28.35
C TYR B 196 -3.36 22.60 26.91
N LEU B 197 -3.48 21.30 26.60
CA LEU B 197 -3.55 20.78 25.22
C LEU B 197 -4.89 21.16 24.55
N SER B 198 -6.00 21.26 25.30
CA SER B 198 -7.30 21.82 24.78
C SER B 198 -7.16 23.32 24.51
N GLU B 199 -6.44 24.04 25.37
CA GLU B 199 -6.23 25.50 25.21
C GLU B 199 -5.42 25.75 23.94
N LEU B 200 -4.42 24.90 23.70
CA LEU B 200 -3.56 25.02 22.48
C LEU B 200 -4.43 24.79 21.23
N ILE B 201 -5.49 23.99 21.36
CA ILE B 201 -6.45 23.63 20.26
C ILE B 201 -7.49 24.75 20.09
N ALA B 202 -7.86 25.44 21.17
CA ALA B 202 -8.74 26.63 21.12
C ALA B 202 -7.97 27.76 20.43
N GLU B 203 -6.74 28.05 20.89
CA GLU B 203 -5.83 29.07 20.30
C GLU B 203 -5.66 28.81 18.79
N ARG B 204 -5.51 27.55 18.37
CA ARG B 204 -5.22 27.17 16.96
C ARG B 204 -6.51 27.01 16.14
N ARG B 205 -7.69 27.18 16.76
CA ARG B 205 -9.01 27.13 16.07
C ARG B 205 -9.32 28.51 15.47
N LYS B 206 -8.37 29.46 15.51
CA LYS B 206 -8.40 30.73 14.73
C LYS B 206 -7.28 30.66 13.67
N GLN B 207 -7.58 30.04 12.51
CA GLN B 207 -6.62 29.80 11.40
C GLN B 207 -7.32 29.19 10.17
N LEU B 212 -1.00 20.66 12.51
CA LEU B 212 -1.63 19.41 13.02
C LEU B 212 -2.78 19.79 13.97
N LEU B 213 -2.47 20.49 15.05
CA LEU B 213 -3.46 21.23 15.86
C LEU B 213 -3.85 22.47 15.05
N GLY B 214 -4.90 22.35 14.24
CA GLY B 214 -5.21 23.33 13.18
C GLY B 214 -5.69 22.61 11.94
N SER B 215 -4.85 21.70 11.42
CA SER B 215 -5.23 20.71 10.39
C SER B 215 -6.28 19.74 10.95
N LEU B 216 -6.13 19.30 12.20
CA LEU B 216 -7.09 18.38 12.86
C LEU B 216 -8.43 19.11 13.07
N VAL B 217 -8.38 20.33 13.59
CA VAL B 217 -9.55 21.24 13.76
C VAL B 217 -10.29 21.36 12.41
N ARG B 218 -9.60 21.89 11.40
CA ARG B 218 -10.15 22.27 10.06
C ARG B 218 -10.54 21.03 9.23
N ALA B 219 -10.17 19.83 9.65
CA ALA B 219 -10.47 18.56 8.95
C ALA B 219 -11.98 18.44 8.70
N ASP B 224 -18.44 13.80 9.39
CA ASP B 224 -17.87 15.18 9.30
C ASP B 224 -16.78 15.30 10.39
N ARG B 225 -16.68 16.45 11.07
CA ARG B 225 -15.49 16.86 11.86
C ARG B 225 -15.30 15.99 13.11
N LEU B 226 -14.09 16.05 13.68
CA LEU B 226 -13.74 15.51 15.02
C LEU B 226 -14.41 16.44 16.04
N SER B 227 -14.89 15.86 17.15
CA SER B 227 -15.34 16.59 18.37
C SER B 227 -14.10 17.09 19.12
N GLU B 228 -14.28 17.95 20.14
CA GLU B 228 -13.17 18.46 21.01
C GLU B 228 -12.61 17.29 21.86
N THR B 229 -13.50 16.46 22.40
CA THR B 229 -13.19 15.27 23.25
C THR B 229 -12.20 14.36 22.49
N GLU B 230 -12.47 14.13 21.19
CA GLU B 230 -11.68 13.27 20.27
C GLU B 230 -10.42 14.01 19.79
N LEU B 231 -10.34 15.33 19.94
CA LEU B 231 -9.21 16.17 19.43
C LEU B 231 -8.03 16.16 20.40
N VAL B 232 -8.27 16.63 21.64
CA VAL B 232 -7.34 16.46 22.80
C VAL B 232 -7.15 14.95 23.01
N GLY B 233 -8.23 14.17 22.95
CA GLY B 233 -8.15 12.71 22.95
C GLY B 233 -6.95 12.24 22.15
N PHE B 234 -6.96 12.53 20.85
CA PHE B 234 -5.90 12.17 19.87
C PHE B 234 -4.56 12.80 20.30
N ALA B 235 -4.59 14.08 20.70
CA ALA B 235 -3.38 14.89 21.06
C ALA B 235 -2.62 14.18 22.18
N VAL B 236 -3.30 13.80 23.26
CA VAL B 236 -2.64 13.12 24.41
C VAL B 236 -2.17 11.71 23.98
N THR B 237 -2.88 11.06 23.06
CA THR B 237 -2.54 9.70 22.57
C THR B 237 -1.19 9.73 21.84
N LEU B 238 -0.99 10.63 20.87
CA LEU B 238 0.30 10.78 20.14
C LEU B 238 1.44 10.86 21.18
N LEU B 239 1.21 11.61 22.25
CA LEU B 239 2.24 11.75 23.29
C LEU B 239 2.53 10.37 23.85
N ILE B 240 1.53 9.70 24.39
CA ILE B 240 1.72 8.36 25.03
C ILE B 240 2.26 7.34 24.03
N ALA B 241 1.62 7.22 22.87
CA ALA B 241 2.04 6.19 21.91
C ALA B 241 3.39 6.50 21.27
N GLY B 242 3.78 7.78 21.18
CA GLY B 242 5.01 8.08 20.46
C GLY B 242 6.15 8.56 21.31
N TYR B 243 6.09 8.42 22.62
CA TYR B 243 7.24 8.90 23.42
C TYR B 243 8.02 7.71 23.92
N GLU B 244 7.62 7.15 25.05
CA GLU B 244 8.37 5.99 25.63
C GLU B 244 8.80 5.03 24.50
N THR B 245 7.90 4.72 23.57
CA THR B 245 8.12 3.72 22.48
C THR B 245 9.28 4.16 21.59
N THR B 246 9.24 5.37 21.05
CA THR B 246 10.26 5.91 20.11
C THR B 246 11.63 5.93 20.81
N ALA B 247 11.72 6.57 21.98
CA ALA B 247 12.91 6.56 22.86
C ALA B 247 13.52 5.16 22.90
N ASN B 248 12.71 4.12 23.17
CA ASN B 248 13.24 2.75 23.33
C ASN B 248 13.73 2.23 21.98
N ALA B 249 13.06 2.58 20.89
CA ALA B 249 13.55 2.16 19.55
C ALA B 249 14.99 2.67 19.44
N ILE B 250 15.17 3.99 19.54
CA ILE B 250 16.48 4.68 19.46
C ILE B 250 17.46 3.99 20.41
N GLY B 251 17.13 3.94 21.71
CA GLY B 251 18.00 3.36 22.75
C GLY B 251 18.40 1.94 22.38
N ASN B 252 17.40 1.09 22.13
CA ASN B 252 17.54 -0.37 21.90
C ASN B 252 18.25 -0.63 20.56
N SER B 253 18.00 0.20 19.56
CA SER B 253 18.67 0.13 18.23
C SER B 253 20.16 0.26 18.45
N VAL B 254 20.58 1.43 18.94
CA VAL B 254 22.00 1.75 19.27
C VAL B 254 22.59 0.54 20.00
N TYR B 255 21.93 0.09 21.07
CA TYR B 255 22.42 -1.05 21.87
C TYR B 255 22.74 -2.22 20.93
N THR B 256 21.72 -2.72 20.27
CA THR B 256 21.81 -3.87 19.32
C THR B 256 22.95 -3.62 18.34
N LEU B 257 22.93 -2.49 17.63
CA LEU B 257 23.93 -2.03 16.61
C LEU B 257 25.39 -2.11 17.14
N LEU B 258 25.58 -1.67 18.38
CA LEU B 258 26.90 -1.65 19.03
C LEU B 258 27.33 -3.07 19.40
N THR B 259 26.38 -4.00 19.49
CA THR B 259 26.73 -5.39 19.86
C THR B 259 26.94 -6.22 18.60
N HIS B 260 26.79 -5.59 17.44
CA HIS B 260 27.02 -6.19 16.11
C HIS B 260 27.76 -5.14 15.29
N PRO B 261 29.04 -4.85 15.59
CA PRO B 261 29.82 -3.81 14.89
C PRO B 261 30.15 -4.03 13.42
N GLU B 262 29.91 -5.23 12.90
CA GLU B 262 30.14 -5.51 11.46
C GLU B 262 29.06 -4.76 10.69
N LYS B 263 27.87 -4.71 11.28
CA LYS B 263 26.71 -3.96 10.72
C LYS B 263 26.94 -2.48 10.99
N LEU B 264 27.39 -2.12 12.18
CA LEU B 264 27.65 -0.67 12.42
C LEU B 264 28.72 -0.19 11.45
N ALA B 265 29.56 -1.09 10.95
CA ALA B 265 30.59 -0.73 9.97
C ALA B 265 29.94 -0.46 8.61
N GLU B 266 28.93 -1.25 8.27
CA GLU B 266 28.21 -1.15 6.97
C GLU B 266 27.47 0.20 6.91
N LEU B 267 27.16 0.81 8.05
CA LEU B 267 26.45 2.11 8.12
C LEU B 267 27.47 3.25 8.07
N ARG B 268 28.65 3.06 8.68
CA ARG B 268 29.78 4.04 8.70
C ARG B 268 30.36 4.19 7.30
N LYS B 269 30.54 3.09 6.61
CA LYS B 269 31.10 3.13 5.24
C LYS B 269 30.04 3.69 4.28
N ASP B 270 28.78 3.28 4.45
CA ASP B 270 27.70 3.72 3.51
C ASP B 270 26.38 4.03 4.24
N LEU B 271 25.98 5.31 4.23
CA LEU B 271 24.82 5.86 4.99
C LEU B 271 23.55 5.80 4.14
N SER B 272 23.66 5.41 2.87
CA SER B 272 22.49 5.21 1.98
C SER B 272 21.61 4.06 2.52
N LEU B 273 22.18 3.13 3.31
CA LEU B 273 21.49 1.94 3.86
C LEU B 273 20.48 2.33 4.96
N ILE B 274 20.85 3.31 5.80
CA ILE B 274 20.17 3.72 7.08
C ILE B 274 18.64 3.60 6.95
N PRO B 275 17.97 4.19 5.93
CA PRO B 275 16.57 3.89 5.66
C PRO B 275 16.24 2.41 5.87
N LYS B 276 16.80 1.53 5.04
CA LYS B 276 16.55 0.06 5.08
C LYS B 276 16.97 -0.52 6.43
N ALA B 277 18.04 0.01 7.03
CA ALA B 277 18.63 -0.46 8.32
C ALA B 277 17.63 -0.24 9.45
N VAL B 278 17.08 0.96 9.53
CA VAL B 278 16.02 1.32 10.52
C VAL B 278 14.96 0.22 10.49
N ASP B 279 14.42 -0.14 9.32
CA ASP B 279 13.29 -1.11 9.23
C ASP B 279 13.76 -2.52 9.59
N GLU B 280 15.01 -2.88 9.26
CA GLU B 280 15.57 -4.21 9.64
C GLU B 280 15.76 -4.26 11.16
N LEU B 281 16.10 -3.12 11.77
CA LEU B 281 16.27 -3.01 13.24
C LEU B 281 14.91 -3.16 13.89
N LEU B 282 13.88 -2.52 13.32
CA LEU B 282 12.48 -2.58 13.82
C LEU B 282 11.97 -4.02 13.75
N ARG B 283 12.39 -4.79 12.72
CA ARG B 283 11.96 -6.19 12.55
C ARG B 283 12.49 -7.04 13.71
N ILE B 284 13.76 -6.87 14.04
CA ILE B 284 14.56 -7.90 14.76
C ILE B 284 14.53 -7.63 16.28
N ILE B 285 14.12 -6.43 16.70
CA ILE B 285 14.07 -6.02 18.13
C ILE B 285 12.63 -6.17 18.62
N PRO B 286 12.36 -6.90 19.71
CA PRO B 286 11.02 -6.96 20.29
C PRO B 286 10.53 -5.61 20.82
N ILE B 287 9.27 -5.29 20.51
CA ILE B 287 8.57 -3.99 20.74
C ILE B 287 7.96 -3.97 22.15
N ALA B 288 7.63 -5.14 22.69
CA ALA B 288 7.06 -5.27 24.06
C ALA B 288 7.72 -6.47 24.76
N LYS B 289 7.59 -6.57 26.08
CA LYS B 289 8.22 -7.66 26.85
C LYS B 289 7.33 -8.90 26.89
N GLN B 290 6.03 -8.67 26.82
CA GLN B 290 5.10 -9.81 26.83
C GLN B 290 4.53 -9.95 25.43
N ALA B 291 3.42 -10.66 25.30
CA ALA B 291 2.86 -10.87 23.95
C ALA B 291 2.21 -9.55 23.53
N SER B 292 0.89 -9.46 23.60
CA SER B 292 0.28 -8.18 23.20
C SER B 292 -1.08 -8.08 23.88
N TRP B 293 -1.87 -7.15 23.40
CA TRP B 293 -3.24 -7.06 23.91
C TRP B 293 -4.02 -8.15 23.19
N VAL B 294 -5.01 -8.74 23.86
CA VAL B 294 -5.83 -9.79 23.18
C VAL B 294 -6.90 -9.12 22.34
N ARG B 295 -7.10 -9.65 21.15
CA ARG B 295 -8.22 -9.18 20.29
C ARG B 295 -9.37 -10.16 20.47
N MET B 296 -10.60 -9.72 20.19
CA MET B 296 -11.78 -10.59 20.39
C MET B 296 -12.32 -11.13 19.07
N ALA B 297 -12.60 -12.43 19.06
CA ALA B 297 -13.17 -13.11 17.88
C ALA B 297 -14.69 -12.99 17.90
N VAL B 298 -15.21 -12.25 16.93
CA VAL B 298 -16.68 -12.05 16.74
C VAL B 298 -17.03 -12.90 15.52
N GLU B 299 -17.43 -14.15 15.72
CA GLU B 299 -17.70 -14.97 14.53
C GLU B 299 -16.51 -15.91 14.31
N ASP B 300 -16.76 -17.23 14.31
CA ASP B 300 -15.66 -18.23 14.11
C ASP B 300 -14.66 -17.91 13.00
N VAL B 301 -13.38 -17.99 13.37
CA VAL B 301 -12.24 -17.76 12.44
C VAL B 301 -11.31 -18.96 12.54
N GLU B 302 -10.58 -19.28 11.49
CA GLU B 302 -9.63 -20.41 11.56
C GLU B 302 -8.23 -19.85 11.57
N LEU B 303 -7.50 -20.06 12.66
CA LEU B 303 -6.08 -19.65 12.72
C LEU B 303 -5.20 -20.90 12.90
N SER B 304 -4.43 -21.24 11.86
CA SER B 304 -3.44 -22.35 11.79
C SER B 304 -4.11 -23.68 12.19
N GLY B 305 -5.15 -24.08 11.44
CA GLY B 305 -5.80 -25.41 11.52
C GLY B 305 -6.79 -25.52 12.68
N THR B 306 -6.98 -24.44 13.45
CA THR B 306 -7.77 -24.42 14.71
C THR B 306 -8.93 -23.42 14.57
N ILE B 307 -10.12 -23.81 15.00
CA ILE B 307 -11.36 -23.02 14.82
C ILE B 307 -11.53 -22.13 16.05
N VAL B 308 -10.98 -20.91 16.01
CA VAL B 308 -11.17 -19.85 17.05
C VAL B 308 -12.66 -19.52 17.03
N LYS B 309 -13.43 -20.11 17.95
CA LYS B 309 -14.88 -19.86 17.99
C LYS B 309 -15.12 -18.41 18.38
N ALA B 310 -16.30 -17.89 18.03
CA ALA B 310 -16.64 -16.50 18.38
C ALA B 310 -16.65 -16.38 19.90
N GLY B 311 -16.28 -15.22 20.40
CA GLY B 311 -16.22 -14.99 21.85
C GLY B 311 -14.83 -15.27 22.42
N GLU B 312 -14.09 -16.24 21.85
CA GLU B 312 -12.73 -16.62 22.32
C GLU B 312 -11.75 -15.45 22.11
N ALA B 313 -10.63 -15.46 22.83
CA ALA B 313 -9.61 -14.38 22.84
C ALA B 313 -8.34 -14.86 22.12
N VAL B 314 -7.62 -13.91 21.51
CA VAL B 314 -6.36 -14.15 20.75
C VAL B 314 -5.37 -13.01 20.99
N ALA B 315 -4.18 -13.35 21.49
CA ALA B 315 -3.01 -12.43 21.60
C ALA B 315 -1.96 -12.80 20.55
N ILE B 316 -1.12 -11.84 20.17
CA ILE B 316 -0.19 -11.95 19.02
C ILE B 316 1.23 -11.55 19.44
N GLN B 317 2.20 -12.22 18.82
CA GLN B 317 3.65 -11.97 18.99
C GLN B 317 4.16 -11.46 17.64
N THR B 318 4.41 -10.15 17.54
CA THR B 318 5.00 -9.50 16.35
C THR B 318 6.36 -10.12 16.04
N HIS B 319 7.11 -10.54 17.06
CA HIS B 319 8.52 -10.99 16.89
C HIS B 319 8.57 -12.23 15.99
N SER B 320 7.73 -13.23 16.28
CA SER B 320 7.74 -14.56 15.62
C SER B 320 7.29 -14.38 14.16
N ALA B 321 6.32 -13.51 13.91
CA ALA B 321 5.93 -13.08 12.55
C ALA B 321 7.14 -12.47 11.85
N ASN B 322 7.88 -11.62 12.56
CA ASN B 322 9.05 -10.87 12.03
C ASN B 322 10.26 -11.79 11.83
N THR B 323 10.15 -13.08 12.17
CA THR B 323 11.23 -14.09 11.98
C THR B 323 10.67 -15.40 11.38
N ASP B 324 9.47 -15.38 10.80
CA ASP B 324 8.81 -16.54 10.13
C ASP B 324 9.62 -16.87 8.88
N PRO B 325 10.19 -18.10 8.75
CA PRO B 325 10.93 -18.47 7.55
C PRO B 325 10.01 -18.75 6.35
N LYS B 326 8.72 -18.81 6.60
CA LYS B 326 7.76 -19.00 5.50
C LYS B 326 7.54 -17.65 4.81
N VAL B 327 8.05 -16.60 5.42
CA VAL B 327 7.90 -15.20 4.86
C VAL B 327 9.28 -14.60 4.63
N TYR B 328 10.23 -14.82 5.54
CA TYR B 328 11.58 -14.22 5.48
C TYR B 328 12.63 -15.30 5.16
N ASP B 329 13.51 -15.01 4.20
CA ASP B 329 14.77 -15.76 4.00
C ASP B 329 15.78 -15.27 5.05
N HIS B 330 16.56 -16.19 5.64
CA HIS B 330 17.57 -15.97 6.72
C HIS B 330 17.04 -14.98 7.74
N PRO B 331 16.02 -15.35 8.54
CA PRO B 331 15.31 -14.40 9.38
C PRO B 331 16.12 -13.94 10.60
N GLU B 332 16.98 -14.82 11.11
CA GLU B 332 17.68 -14.66 12.41
C GLU B 332 19.01 -13.92 12.22
N GLU B 333 19.31 -13.42 11.01
CA GLU B 333 20.47 -12.52 10.77
C GLU B 333 19.98 -11.14 10.31
N ILE B 334 20.72 -10.10 10.66
CA ILE B 334 20.47 -8.69 10.24
C ILE B 334 20.99 -8.54 8.81
N ASP B 335 20.23 -7.86 7.95
CA ASP B 335 20.59 -7.66 6.52
C ASP B 335 20.05 -6.30 6.06
N PHE B 336 20.91 -5.30 5.93
CA PHE B 336 20.51 -3.94 5.45
C PHE B 336 20.23 -3.93 3.95
N HIS B 337 20.04 -5.10 3.32
CA HIS B 337 19.84 -5.24 1.85
C HIS B 337 18.56 -6.01 1.53
N ARG B 338 17.66 -6.18 2.50
CA ARG B 338 16.42 -6.99 2.34
C ARG B 338 15.53 -6.33 1.28
N THR B 339 15.37 -6.98 0.14
CA THR B 339 14.62 -6.47 -1.05
C THR B 339 13.27 -5.88 -0.62
N SER B 340 12.53 -6.56 0.26
CA SER B 340 11.16 -6.15 0.67
C SER B 340 10.82 -6.83 2.00
N ASN B 341 10.89 -6.10 3.11
CA ASN B 341 10.77 -6.68 4.48
C ASN B 341 9.43 -6.23 5.08
N PRO B 342 8.38 -7.08 5.03
CA PRO B 342 7.06 -6.74 5.60
C PRO B 342 6.89 -7.09 7.09
N HIS B 343 7.41 -6.25 7.99
CA HIS B 343 7.41 -6.55 9.44
C HIS B 343 6.10 -6.11 10.06
N MET B 344 5.87 -6.48 11.32
CA MET B 344 4.64 -6.18 12.11
C MET B 344 4.97 -5.30 13.32
N SER B 345 6.22 -4.91 13.48
CA SER B 345 6.72 -4.05 14.59
C SER B 345 6.01 -2.70 14.61
N LEU B 346 5.42 -2.27 13.49
CA LEU B 346 4.72 -0.97 13.35
C LEU B 346 3.23 -1.21 12.98
N GLY B 347 2.69 -2.36 13.37
CA GLY B 347 1.28 -2.73 13.12
C GLY B 347 1.04 -3.16 11.68
N HIS B 348 -0.23 -3.28 11.28
CA HIS B 348 -0.65 -3.79 9.96
C HIS B 348 -2.09 -3.36 9.63
N GLY B 349 -2.34 -3.04 8.37
CA GLY B 349 -3.67 -2.72 7.82
C GLY B 349 -4.30 -1.50 8.49
N ALA B 350 -5.56 -1.64 8.91
CA ALA B 350 -6.44 -0.56 9.44
C ALA B 350 -5.71 0.29 10.50
N HIS B 351 -5.09 -0.36 11.50
CA HIS B 351 -4.55 0.31 12.72
C HIS B 351 -3.01 0.47 12.66
N HIS B 352 -2.39 0.34 11.48
CA HIS B 352 -0.92 0.47 11.30
C HIS B 352 -0.47 1.77 11.96
N CYS B 353 0.75 1.83 12.49
CA CYS B 353 1.26 3.00 13.25
C CYS B 353 1.12 4.29 12.42
N MET B 354 0.44 5.30 12.96
CA MET B 354 0.25 6.59 12.25
C MET B 354 1.52 7.43 12.29
N GLY B 355 2.48 7.08 13.13
CA GLY B 355 3.74 7.82 13.26
C GLY B 355 4.84 7.23 12.39
N ALA B 356 4.59 6.06 11.79
CA ALA B 356 5.55 5.31 10.94
C ALA B 356 6.55 6.26 10.30
N GLN B 357 6.10 7.32 9.62
CA GLN B 357 6.98 8.31 8.97
C GLN B 357 7.71 9.12 10.06
N LEU B 358 7.00 9.65 11.05
CA LEU B 358 7.64 10.36 12.19
C LEU B 358 8.77 9.47 12.72
N VAL B 359 8.43 8.25 13.11
CA VAL B 359 9.37 7.19 13.61
C VAL B 359 10.61 7.13 12.73
N ARG B 360 10.44 6.73 11.47
CA ARG B 360 11.53 6.52 10.49
C ARG B 360 12.39 7.79 10.36
N VAL B 361 11.78 8.99 10.30
CA VAL B 361 12.51 10.30 10.24
C VAL B 361 13.44 10.37 11.46
N GLU B 362 12.86 10.35 12.67
CA GLU B 362 13.60 10.45 13.94
C GLU B 362 14.65 9.34 14.00
N MET B 363 14.24 8.09 13.83
CA MET B 363 15.14 6.91 13.92
C MET B 363 16.25 6.97 12.87
N GLN B 364 15.95 7.44 11.66
CA GLN B 364 16.96 7.60 10.57
C GLN B 364 17.96 8.71 10.97
N THR B 365 17.49 9.94 11.28
CA THR B 365 18.40 11.09 11.53
C THR B 365 19.14 10.88 12.85
N ALA B 366 18.53 10.15 13.80
CA ALA B 366 19.11 9.81 15.12
C ALA B 366 20.30 8.87 14.93
N LEU B 367 20.05 7.66 14.42
CA LEU B 367 21.14 6.68 14.11
C LEU B 367 22.14 7.37 13.18
N GLY B 368 21.65 7.91 12.05
CA GLY B 368 22.45 8.58 11.01
C GLY B 368 23.36 9.67 11.55
N SER B 369 22.94 10.44 12.58
CA SER B 369 23.74 11.56 13.15
C SER B 369 24.78 11.01 14.15
N LEU B 370 24.37 10.15 15.09
CA LEU B 370 25.29 9.44 16.03
C LEU B 370 26.44 8.78 15.28
N ILE B 371 26.15 8.10 14.17
CA ILE B 371 27.14 7.30 13.39
C ILE B 371 28.02 8.30 12.62
N SER B 372 27.40 9.31 12.02
CA SER B 372 28.05 10.33 11.17
C SER B 372 28.88 11.30 12.03
N ARG B 373 28.37 11.72 13.18
CA ARG B 373 29.05 12.69 14.07
C ARG B 373 30.16 11.98 14.88
N ILE B 374 29.87 10.84 15.51
CA ILE B 374 30.72 10.21 16.57
C ILE B 374 31.08 8.78 16.17
N PRO B 375 32.04 8.56 15.23
CA PRO B 375 32.27 7.22 14.68
C PRO B 375 33.08 6.27 15.59
N ALA B 376 33.70 6.81 16.64
CA ALA B 376 34.48 6.06 17.65
C ALA B 376 33.55 5.60 18.77
N LEU B 377 32.25 5.55 18.48
CA LEU B 377 31.22 5.20 19.49
C LEU B 377 31.45 3.79 20.02
N ARG B 378 31.35 3.63 21.33
CA ARG B 378 31.54 2.31 21.98
C ARG B 378 31.03 2.40 23.42
N PHE B 379 30.75 1.24 24.02
CA PHE B 379 30.22 1.11 25.40
C PHE B 379 31.30 1.46 26.40
N ALA B 380 30.89 1.94 27.57
CA ALA B 380 31.82 2.34 28.66
C ALA B 380 31.90 1.22 29.70
N VAL B 381 30.93 0.31 29.68
CA VAL B 381 30.94 -0.90 30.56
C VAL B 381 30.90 -2.12 29.64
N PRO B 382 31.13 -3.38 30.10
CA PRO B 382 31.00 -4.53 29.22
C PRO B 382 29.52 -4.79 28.93
N GLU B 383 29.20 -5.18 27.70
CA GLU B 383 27.79 -5.35 27.20
C GLU B 383 26.96 -6.18 28.17
N PRO B 384 27.46 -7.29 28.75
CA PRO B 384 26.66 -8.07 29.68
C PRO B 384 26.26 -7.24 30.93
N ARG B 385 27.09 -6.27 31.31
CA ARG B 385 26.93 -5.49 32.57
C ARG B 385 25.86 -4.39 32.38
N ILE B 386 25.29 -4.27 31.18
CA ILE B 386 24.27 -3.24 30.87
C ILE B 386 22.90 -3.72 31.37
N LYS B 387 22.29 -2.95 32.29
CA LYS B 387 21.06 -3.32 33.03
C LYS B 387 19.83 -2.85 32.25
N PHE B 388 18.77 -3.66 32.30
CA PHE B 388 17.47 -3.36 31.67
C PHE B 388 16.45 -3.09 32.79
N LEU B 389 15.28 -2.56 32.45
CA LEU B 389 14.26 -2.24 33.48
C LEU B 389 13.34 -3.43 33.70
N ARG B 390 12.90 -3.66 34.94
CA ARG B 390 12.05 -4.82 35.26
C ARG B 390 10.62 -4.37 35.54
N GLY B 391 10.37 -3.06 35.59
CA GLY B 391 9.02 -2.57 35.93
C GLY B 391 8.26 -2.02 34.75
N ARG B 392 8.63 -2.41 33.53
CA ARG B 392 7.91 -1.86 32.36
C ARG B 392 7.27 -3.00 31.55
N LEU B 393 6.52 -2.66 30.51
CA LEU B 393 5.83 -3.64 29.64
C LEU B 393 6.63 -3.78 28.36
N VAL B 394 7.34 -2.72 28.00
CA VAL B 394 8.21 -2.69 26.80
C VAL B 394 9.64 -2.86 27.31
N PRO B 395 10.56 -3.49 26.56
CA PRO B 395 11.92 -3.70 27.04
C PRO B 395 12.69 -2.38 26.89
N SER B 396 13.09 -1.79 28.01
CA SER B 396 13.87 -0.52 27.92
C SER B 396 15.11 -0.60 28.80
N LEU B 397 16.11 0.20 28.46
CA LEU B 397 17.40 0.22 29.19
C LEU B 397 17.26 1.12 30.41
N GLU B 398 17.81 0.68 31.55
CA GLU B 398 17.75 1.50 32.78
C GLU B 398 18.72 2.63 32.49
N ALA B 399 19.81 2.28 31.81
CA ALA B 399 20.79 3.24 31.28
C ALA B 399 21.62 2.58 30.18
N LEU B 400 22.21 3.41 29.33
CA LEU B 400 23.10 3.02 28.21
C LEU B 400 24.29 3.97 28.22
N PRO B 401 25.32 3.68 29.03
CA PRO B 401 26.55 4.44 29.04
C PRO B 401 27.41 4.11 27.81
N LEU B 402 27.80 5.13 27.04
CA LEU B 402 28.73 4.99 25.90
C LEU B 402 29.98 5.83 26.18
N THR B 403 30.95 5.79 25.28
CA THR B 403 32.22 6.53 25.37
C THR B 403 32.74 6.78 23.95
N TRP B 404 33.81 7.58 23.82
CA TRP B 404 34.30 8.11 22.52
C TRP B 404 35.59 8.91 22.74
#